data_5CUU
#
_entry.id   5CUU
#
_cell.length_a   100.775
_cell.length_b   102.630
_cell.length_c   158.834
_cell.angle_alpha   90.00
_cell.angle_beta   90.00
_cell.angle_gamma   90.00
#
_symmetry.space_group_name_H-M   'C 2 2 21'
#
loop_
_entity.id
_entity.type
_entity.pdbx_description
1 polymer 'Acidocalcisomal pyrophosphatase'
2 non-polymer D-MALATE
3 non-polymer 1-butyl-3-(2-hydroxy-2,2-diphosphonoethyl)-1H-imidazol-3-ium
4 non-polymer 'MAGNESIUM ION'
5 water water
#
_entity_poly.entity_id   1
_entity_poly.type   'polypeptide(L)'
_entity_poly.pdbx_seq_one_letter_code
;MSENKATLMEGMTEKTLHSPNTMAEVASLHVANSYIGTGLDTSLENVKPLPEACKRNVTEFDLVAYGKDEFTLSMEKRVM
ARMFSAFDVTQLGYLEERKIEHMCKYLGRVMNEDDVKQMKSEINAIDGHITFEKFWAWWCSHPEVPAKKDFFSMVSVDFA
VPYHQQQLLTRETGELYTPSYRVLYYFRDMETGKELQVSPWHDIPLYVRDLVRTKPASLPMNRYNFICEIPKWTRAKFEI
ATGEPFNPIKQDIKNGVPRFYKHGDMMWNYGALPQTWESTDVVFEGGYVGDNDPIDAIEIGMTQFKVGQVGAVKVLGILG
MIDDGQMDWKVICISHNDPICRFLKDIHDVPKFLPGCLDAIHEWFRVYKICQGGVENKFVFNGEFKDKSFAMKVIDESHY
MWGNLRKINKKEEV
;
_entity_poly.pdbx_strand_id   A,B
#
loop_
_chem_comp.id
_chem_comp.type
_chem_comp.name
_chem_comp.formula
4GA non-polymer 1-butyl-3-(2-hydroxy-2,2-diphosphonoethyl)-1H-imidazol-3-ium 'C9 H19 N2 O7 P2 1'
MG non-polymer 'MAGNESIUM ION' 'Mg 2'
MLT non-polymer D-MALATE 'C4 H6 O5'
#
# COMPACT_ATOMS: atom_id res chain seq x y z
N ASN A 33 6.73 26.91 -27.15
CA ASN A 33 7.94 27.71 -26.77
C ASN A 33 8.64 28.23 -28.01
N SER A 34 9.12 29.48 -27.95
CA SER A 34 9.77 30.13 -29.10
C SER A 34 11.28 30.02 -29.34
N TYR A 35 12.07 30.52 -28.40
CA TYR A 35 13.53 30.54 -28.56
C TYR A 35 14.26 30.19 -27.26
N ILE A 36 15.37 29.48 -27.36
CA ILE A 36 16.16 29.04 -26.20
C ILE A 36 16.31 30.20 -25.19
N GLY A 37 16.04 29.94 -23.91
CA GLY A 37 16.14 30.99 -22.90
C GLY A 37 17.29 30.84 -21.93
N THR A 38 17.56 31.88 -21.14
CA THR A 38 18.66 31.84 -20.17
C THR A 38 18.25 31.35 -18.79
N GLY A 39 16.97 31.43 -18.49
CA GLY A 39 16.48 30.99 -17.20
C GLY A 39 16.53 32.08 -16.13
N LEU A 40 16.82 33.31 -16.57
CA LEU A 40 16.94 34.47 -15.69
C LEU A 40 15.87 35.54 -16.01
N ASP A 41 16.27 36.81 -16.17
CA ASP A 41 15.35 37.94 -16.48
C ASP A 41 15.77 38.92 -17.57
N THR A 42 15.05 38.92 -18.68
CA THR A 42 15.40 39.83 -19.78
C THR A 42 14.17 40.34 -20.57
N SER A 43 14.47 41.08 -21.64
CA SER A 43 13.46 41.64 -22.53
C SER A 43 13.35 40.69 -23.74
N LEU A 44 12.13 40.52 -24.28
CA LEU A 44 11.89 39.65 -25.44
C LEU A 44 12.51 40.23 -26.72
N GLU A 45 12.26 41.53 -26.92
CA GLU A 45 12.69 42.36 -28.07
C GLU A 45 13.94 42.02 -28.93
N ASN A 46 15.05 42.72 -28.63
CA ASN A 46 16.32 42.63 -29.37
C ASN A 46 17.12 41.33 -29.47
N VAL A 47 16.62 40.25 -28.87
CA VAL A 47 17.32 38.97 -28.93
C VAL A 47 17.29 38.57 -30.43
N LYS A 48 18.46 38.41 -31.05
CA LYS A 48 18.53 38.02 -32.47
C LYS A 48 18.36 36.50 -32.63
N PRO A 49 17.16 36.07 -33.06
CA PRO A 49 16.85 34.65 -33.26
C PRO A 49 17.79 33.90 -34.18
N LEU A 50 18.46 32.89 -33.64
CA LEU A 50 19.38 32.07 -34.42
C LEU A 50 19.06 32.22 -35.93
N PRO A 51 20.09 32.53 -36.75
CA PRO A 51 19.81 32.69 -38.20
C PRO A 51 19.34 31.38 -38.89
N GLU A 52 19.76 30.24 -38.35
CA GLU A 52 19.42 28.91 -38.86
C GLU A 52 17.94 28.55 -38.65
N ALA A 53 17.24 29.38 -37.89
CA ALA A 53 15.81 29.21 -37.61
C ALA A 53 15.04 30.10 -38.58
N CYS A 54 15.28 31.41 -38.53
CA CYS A 54 14.64 32.36 -39.46
C CYS A 54 14.68 31.76 -40.87
N LYS A 55 15.87 31.33 -41.29
CA LYS A 55 16.07 30.72 -42.60
C LYS A 55 14.93 29.73 -42.85
N ARG A 56 14.78 28.77 -41.93
CA ARG A 56 13.78 27.71 -42.00
C ARG A 56 12.36 28.04 -41.55
N ASN A 57 12.13 29.20 -40.97
CA ASN A 57 10.79 29.58 -40.53
C ASN A 57 10.21 28.59 -39.52
N VAL A 58 11.05 28.17 -38.58
CA VAL A 58 10.70 27.24 -37.51
C VAL A 58 11.22 27.94 -36.25
N THR A 59 10.58 27.79 -35.10
CA THR A 59 11.13 28.45 -33.92
C THR A 59 12.47 27.83 -33.54
N GLU A 60 13.22 28.46 -32.65
CA GLU A 60 14.50 27.88 -32.25
C GLU A 60 14.24 26.63 -31.40
N PHE A 61 13.17 26.70 -30.61
CA PHE A 61 12.76 25.59 -29.78
C PHE A 61 12.43 24.38 -30.64
N ASP A 62 11.61 24.61 -31.67
CA ASP A 62 11.21 23.53 -32.56
C ASP A 62 12.43 22.88 -33.19
N LEU A 63 13.31 23.75 -33.67
CA LEU A 63 14.54 23.36 -34.34
C LEU A 63 15.42 22.48 -33.49
N VAL A 64 15.74 22.99 -32.30
CA VAL A 64 16.61 22.32 -31.32
C VAL A 64 16.15 20.90 -30.88
N ALA A 65 14.86 20.78 -30.57
CA ALA A 65 14.21 19.57 -30.09
C ALA A 65 13.73 18.60 -31.18
N TYR A 66 13.13 19.13 -32.22
CA TYR A 66 12.62 18.27 -33.26
C TYR A 66 13.44 18.21 -34.54
N GLY A 67 14.46 19.06 -34.67
CA GLY A 67 15.32 19.03 -35.84
C GLY A 67 16.31 17.92 -35.60
N LYS A 68 16.53 17.09 -36.61
CA LYS A 68 17.42 15.94 -36.48
C LYS A 68 18.87 16.28 -36.39
N ASP A 69 19.19 17.57 -36.43
CA ASP A 69 20.60 17.95 -36.37
C ASP A 69 21.19 18.36 -35.05
N GLU A 70 22.51 18.30 -35.02
CA GLU A 70 23.25 18.70 -33.86
C GLU A 70 23.62 20.17 -33.99
N PHE A 71 23.14 20.96 -33.02
CA PHE A 71 23.42 22.39 -32.93
C PHE A 71 24.91 22.56 -33.14
N THR A 72 25.28 23.06 -34.31
CA THR A 72 26.68 23.28 -34.67
C THR A 72 27.36 24.23 -33.67
N LEU A 73 28.65 23.99 -33.45
CA LEU A 73 29.49 24.80 -32.56
C LEU A 73 29.19 26.30 -32.70
N SER A 74 28.81 26.70 -33.92
CA SER A 74 28.47 28.07 -34.23
C SER A 74 27.10 28.51 -33.69
N MET A 75 26.17 27.54 -33.57
CA MET A 75 24.83 27.78 -33.06
C MET A 75 24.83 27.82 -31.52
N GLU A 76 25.68 27.02 -30.88
CA GLU A 76 25.79 27.00 -29.43
C GLU A 76 26.28 28.39 -29.03
N LYS A 77 27.38 28.81 -29.65
CA LYS A 77 27.98 30.11 -29.39
C LYS A 77 27.00 31.27 -29.26
N ARG A 78 26.07 31.42 -30.19
CA ARG A 78 25.13 32.53 -30.08
C ARG A 78 24.27 32.38 -28.81
N VAL A 79 23.93 31.13 -28.48
CA VAL A 79 23.13 30.78 -27.31
C VAL A 79 23.91 31.03 -26.04
N MET A 80 25.21 30.79 -26.12
CA MET A 80 26.16 30.97 -25.04
C MET A 80 26.43 32.49 -24.83
N ALA A 81 26.45 33.27 -25.91
CA ALA A 81 26.68 34.72 -25.86
C ALA A 81 25.54 35.40 -25.15
N ARG A 82 24.31 34.96 -25.44
CA ARG A 82 23.07 35.49 -24.86
C ARG A 82 22.94 35.15 -23.41
N MET A 83 23.57 34.06 -23.00
CA MET A 83 23.58 33.63 -21.61
C MET A 83 24.48 34.62 -20.83
N PHE A 84 25.65 34.92 -21.40
CA PHE A 84 26.66 35.85 -20.85
C PHE A 84 26.09 37.27 -20.67
N SER A 85 25.16 37.67 -21.54
CA SER A 85 24.53 38.98 -21.49
C SER A 85 23.49 39.02 -20.36
N ALA A 86 22.99 37.85 -19.97
CA ALA A 86 21.99 37.78 -18.92
C ALA A 86 22.63 37.83 -17.51
N PHE A 87 23.94 37.62 -17.48
CA PHE A 87 24.70 37.67 -16.26
C PHE A 87 25.28 39.06 -16.15
N ASP A 88 25.31 39.74 -17.29
CA ASP A 88 25.85 41.10 -17.44
C ASP A 88 24.70 42.08 -17.39
N VAL A 89 24.00 42.14 -16.27
CA VAL A 89 22.85 43.03 -16.11
C VAL A 89 23.18 44.53 -16.31
N THR A 90 24.35 44.93 -15.84
CA THR A 90 24.83 46.29 -15.98
C THR A 90 25.36 46.50 -17.40
N GLN A 91 24.94 45.65 -18.33
CA GLN A 91 25.39 45.70 -19.71
C GLN A 91 26.71 46.47 -19.96
N LEU A 92 27.78 46.00 -19.33
CA LEU A 92 29.09 46.62 -19.47
C LEU A 92 29.87 46.08 -20.65
N GLY A 93 29.85 44.75 -20.84
CA GLY A 93 30.58 44.14 -21.95
C GLY A 93 31.62 43.13 -21.49
N TYR A 94 31.49 42.70 -20.23
CA TYR A 94 32.40 41.76 -19.60
C TYR A 94 31.84 41.44 -18.22
N LEU A 95 32.39 40.41 -17.59
CA LEU A 95 31.98 40.01 -16.25
C LEU A 95 33.23 39.96 -15.38
N GLU A 96 33.06 39.92 -14.07
CA GLU A 96 34.22 39.82 -13.17
C GLU A 96 34.40 38.32 -12.93
N GLU A 97 35.64 37.87 -12.88
CA GLU A 97 35.94 36.47 -12.66
C GLU A 97 35.09 35.77 -11.59
N ARG A 98 34.36 36.51 -10.77
CA ARG A 98 33.53 35.88 -9.74
C ARG A 98 32.19 35.44 -10.37
N LYS A 99 31.72 36.22 -11.37
CA LYS A 99 30.48 35.94 -12.09
C LYS A 99 30.74 34.80 -13.07
N ILE A 100 31.78 34.92 -13.89
CA ILE A 100 32.14 33.87 -14.84
C ILE A 100 32.07 32.55 -14.09
N GLU A 101 32.38 32.62 -12.80
CA GLU A 101 32.36 31.45 -11.94
C GLU A 101 30.95 30.91 -11.73
N HIS A 102 30.02 31.75 -11.29
CA HIS A 102 28.64 31.31 -11.08
C HIS A 102 28.11 30.80 -12.43
N MET A 103 28.30 31.60 -13.46
CA MET A 103 27.86 31.23 -14.79
C MET A 103 28.36 29.85 -15.17
N CYS A 104 29.62 29.55 -14.91
CA CYS A 104 30.12 28.22 -15.25
C CYS A 104 29.42 27.13 -14.47
N LYS A 105 29.00 27.47 -13.25
CA LYS A 105 28.26 26.53 -12.40
C LYS A 105 26.83 26.42 -12.92
N TYR A 106 26.28 27.54 -13.37
CA TYR A 106 24.94 27.52 -13.93
C TYR A 106 24.92 26.48 -15.04
N LEU A 107 25.80 26.66 -16.03
CA LEU A 107 25.91 25.78 -17.18
C LEU A 107 26.36 24.36 -16.89
N GLY A 108 26.30 23.96 -15.62
CA GLY A 108 26.66 22.61 -15.25
C GLY A 108 28.10 22.25 -14.88
N ARG A 109 29.04 23.18 -15.07
CA ARG A 109 30.45 22.95 -14.77
C ARG A 109 30.84 22.83 -13.29
N VAL A 110 31.66 21.83 -13.01
CA VAL A 110 32.15 21.58 -11.67
C VAL A 110 33.40 22.43 -11.46
N MET A 111 33.20 23.64 -10.94
CA MET A 111 34.30 24.58 -10.74
C MET A 111 34.98 24.60 -9.37
N ASN A 112 36.02 23.77 -9.20
CA ASN A 112 36.76 23.79 -7.91
C ASN A 112 37.89 24.80 -7.98
N GLU A 113 38.77 24.80 -6.98
CA GLU A 113 39.87 25.76 -6.96
C GLU A 113 40.95 25.55 -8.03
N ASP A 114 41.42 24.31 -8.17
CA ASP A 114 42.43 23.98 -9.18
C ASP A 114 41.85 24.31 -10.56
N ASP A 115 40.53 24.47 -10.62
CA ASP A 115 39.83 24.79 -11.85
C ASP A 115 39.70 26.29 -11.97
N VAL A 116 39.36 26.94 -10.87
CA VAL A 116 39.21 28.38 -10.89
C VAL A 116 40.53 29.03 -11.23
N LYS A 117 41.59 28.66 -10.51
CA LYS A 117 42.91 29.24 -10.76
C LYS A 117 43.33 29.01 -12.21
N GLN A 118 43.00 27.83 -12.71
CA GLN A 118 43.31 27.43 -14.08
C GLN A 118 42.66 28.42 -15.06
N MET A 119 41.38 28.69 -14.85
CA MET A 119 40.67 29.62 -15.71
C MET A 119 41.25 31.01 -15.65
N LYS A 120 41.38 31.53 -14.44
CA LYS A 120 41.92 32.87 -14.28
C LYS A 120 43.27 32.94 -14.96
N SER A 121 44.04 31.85 -14.94
CA SER A 121 45.34 31.85 -15.60
C SER A 121 45.30 31.84 -17.15
N GLU A 122 44.42 31.03 -17.72
CA GLU A 122 44.28 30.92 -19.18
C GLU A 122 43.81 32.25 -19.76
N ILE A 123 42.72 32.77 -19.22
CA ILE A 123 42.17 34.06 -19.66
C ILE A 123 43.19 35.20 -19.50
N ASN A 124 43.97 35.13 -18.42
CA ASN A 124 45.00 36.12 -18.11
C ASN A 124 44.44 37.53 -18.18
N ALA A 125 43.34 37.75 -17.46
CA ALA A 125 42.72 39.08 -17.43
C ALA A 125 43.21 39.71 -16.14
N ILE A 126 44.37 40.38 -16.27
CA ILE A 126 45.06 41.03 -15.18
C ILE A 126 44.20 41.99 -14.37
N ASP A 127 43.22 42.62 -15.02
CA ASP A 127 42.32 43.56 -14.33
C ASP A 127 41.08 42.90 -13.72
N GLY A 128 40.93 41.59 -13.97
CA GLY A 128 39.80 40.86 -13.43
C GLY A 128 38.57 40.76 -14.32
N HIS A 129 38.52 41.60 -15.35
CA HIS A 129 37.39 41.62 -16.26
C HIS A 129 37.56 40.68 -17.46
N ILE A 130 36.54 39.84 -17.65
CA ILE A 130 36.51 38.87 -18.74
C ILE A 130 35.41 39.18 -19.78
N THR A 131 35.84 39.20 -21.03
CA THR A 131 34.99 39.46 -22.19
C THR A 131 34.51 38.12 -22.80
N PHE A 132 33.29 38.09 -23.38
CA PHE A 132 32.74 36.86 -23.95
C PHE A 132 33.73 36.15 -24.84
N GLU A 133 34.13 36.78 -25.92
CA GLU A 133 35.07 36.14 -26.81
C GLU A 133 36.17 35.37 -26.10
N LYS A 134 36.75 36.00 -25.07
CA LYS A 134 37.83 35.41 -24.25
C LYS A 134 37.29 34.20 -23.47
N PHE A 135 36.08 34.36 -22.94
CA PHE A 135 35.38 33.33 -22.19
C PHE A 135 35.14 32.15 -23.13
N TRP A 136 34.36 32.40 -24.18
CA TRP A 136 34.04 31.38 -25.18
C TRP A 136 35.30 30.62 -25.55
N ALA A 137 36.28 31.34 -26.09
CA ALA A 137 37.53 30.73 -26.48
C ALA A 137 38.12 29.80 -25.39
N TRP A 138 38.00 30.18 -24.12
CA TRP A 138 38.53 29.38 -23.01
C TRP A 138 37.73 28.11 -22.83
N TRP A 139 36.40 28.28 -22.83
CA TRP A 139 35.40 27.22 -22.66
C TRP A 139 35.56 26.14 -23.74
N CYS A 140 35.61 26.56 -25.00
CA CYS A 140 35.78 25.66 -26.13
C CYS A 140 37.11 24.91 -26.09
N SER A 141 37.95 25.27 -25.14
CA SER A 141 39.25 24.67 -25.03
C SER A 141 39.38 23.83 -23.80
N HIS A 142 38.31 23.73 -23.03
CA HIS A 142 38.42 22.96 -21.79
C HIS A 142 37.15 22.27 -21.36
N PRO A 143 36.73 21.23 -22.12
CA PRO A 143 35.50 20.50 -21.76
C PRO A 143 35.58 19.87 -20.36
N GLU A 144 36.69 20.16 -19.65
CA GLU A 144 36.98 19.70 -18.28
C GLU A 144 37.18 18.19 -18.05
N VAL A 145 36.89 17.78 -16.81
CA VAL A 145 37.01 16.40 -16.34
C VAL A 145 35.97 15.44 -16.90
N PRO A 146 36.24 14.13 -16.79
CA PRO A 146 35.37 13.05 -17.25
C PRO A 146 35.05 12.09 -16.10
N ALA A 147 36.11 11.69 -15.39
CA ALA A 147 36.01 10.75 -14.26
C ALA A 147 36.02 11.47 -12.89
N LYS A 148 36.61 12.67 -12.84
CA LYS A 148 36.66 13.46 -11.61
C LYS A 148 35.20 13.78 -11.18
N LYS A 149 34.25 13.42 -12.06
CA LYS A 149 32.82 13.60 -11.81
C LYS A 149 32.40 12.44 -10.89
N ASP A 150 33.41 11.70 -10.45
CA ASP A 150 33.25 10.58 -9.52
C ASP A 150 32.58 11.14 -8.27
N PHE A 151 32.44 12.46 -8.20
CA PHE A 151 31.81 13.08 -7.05
C PHE A 151 30.30 12.88 -7.07
N PHE A 152 29.81 12.34 -5.95
CA PHE A 152 28.40 12.05 -5.75
C PHE A 152 27.91 12.67 -4.48
N SER A 153 27.04 13.65 -4.60
CA SER A 153 26.50 14.31 -3.42
C SER A 153 25.79 13.27 -2.55
N MET A 154 26.25 13.12 -1.32
CA MET A 154 25.64 12.13 -0.44
C MET A 154 24.70 12.72 0.59
N VAL A 155 24.57 14.04 0.55
CA VAL A 155 23.71 14.76 1.46
C VAL A 155 22.30 14.20 1.50
N SER A 156 21.88 13.68 2.65
CA SER A 156 20.51 13.16 2.74
C SER A 156 19.88 13.72 4.00
N VAL A 157 18.73 13.18 4.37
CA VAL A 157 18.00 13.64 5.55
C VAL A 157 17.98 12.40 6.43
N ASP A 158 19.04 11.61 6.34
CA ASP A 158 19.15 10.36 7.11
C ASP A 158 18.01 10.11 8.11
N PHE A 159 16.90 9.59 7.58
CA PHE A 159 15.69 9.24 8.31
C PHE A 159 15.75 7.72 8.44
N ALA A 160 16.71 7.27 9.24
CA ALA A 160 16.92 5.85 9.50
C ALA A 160 15.74 5.30 10.32
N VAL A 161 14.76 4.72 9.66
CA VAL A 161 13.63 4.20 10.41
C VAL A 161 13.47 2.71 10.21
N PRO A 162 14.43 1.94 10.75
CA PRO A 162 14.44 0.48 10.66
C PRO A 162 13.38 -0.09 11.56
N TYR A 163 12.85 -1.24 11.18
CA TYR A 163 11.83 -1.91 11.98
C TYR A 163 11.62 -3.26 11.35
N HIS A 164 10.72 -4.04 11.92
CA HIS A 164 10.54 -5.34 11.35
C HIS A 164 9.18 -5.50 10.74
N GLN A 165 9.08 -5.30 9.43
CA GLN A 165 7.81 -5.47 8.76
C GLN A 165 7.33 -6.84 9.19
N GLN A 166 6.10 -6.93 9.66
CA GLN A 166 5.56 -8.20 10.11
C GLN A 166 4.63 -8.72 9.02
N GLN A 167 4.42 -10.02 8.99
CA GLN A 167 3.52 -10.60 8.01
C GLN A 167 2.37 -11.23 8.82
N LEU A 168 1.16 -10.72 8.60
CA LEU A 168 0.01 -11.26 9.30
C LEU A 168 -0.21 -12.70 8.85
N LEU A 169 -0.69 -13.55 9.75
CA LEU A 169 -0.96 -14.91 9.37
C LEU A 169 -2.22 -15.30 10.06
N THR A 170 -2.85 -16.34 9.58
CA THR A 170 -4.05 -16.77 10.24
C THR A 170 -4.14 -18.29 10.12
N ARG A 171 -4.37 -18.95 11.25
CA ARG A 171 -4.52 -20.39 11.22
C ARG A 171 -5.85 -20.78 11.81
N GLU A 172 -6.53 -21.66 11.08
CA GLU A 172 -7.80 -22.20 11.49
C GLU A 172 -7.39 -23.31 12.48
N THR A 173 -8.28 -23.65 13.41
CA THR A 173 -8.06 -24.69 14.40
C THR A 173 -9.44 -25.03 14.92
N GLY A 174 -9.59 -26.22 15.48
CA GLY A 174 -10.90 -26.63 15.95
C GLY A 174 -11.64 -27.14 14.74
N GLU A 175 -12.86 -27.64 14.91
CA GLU A 175 -13.60 -28.11 13.74
C GLU A 175 -14.72 -27.13 13.41
N LEU A 176 -14.99 -26.94 12.13
CA LEU A 176 -16.02 -25.99 11.69
C LEU A 176 -17.45 -26.36 12.05
N TYR A 177 -18.24 -25.37 12.46
CA TYR A 177 -19.63 -25.59 12.86
C TYR A 177 -19.66 -26.34 14.20
N THR A 178 -18.75 -25.96 15.10
CA THR A 178 -18.59 -26.53 16.46
C THR A 178 -17.91 -25.49 17.38
N PRO A 179 -18.07 -25.62 18.71
CA PRO A 179 -17.46 -24.66 19.64
C PRO A 179 -15.93 -24.57 19.69
N SER A 180 -15.23 -25.41 18.95
CA SER A 180 -13.77 -25.42 19.01
C SER A 180 -13.07 -24.62 17.94
N TYR A 181 -13.76 -24.43 16.82
CA TYR A 181 -13.22 -23.69 15.69
C TYR A 181 -12.89 -22.28 16.02
N ARG A 182 -11.63 -21.95 15.83
CA ARG A 182 -11.14 -20.61 16.08
C ARG A 182 -10.28 -20.22 14.90
N VAL A 183 -9.99 -18.94 14.82
CA VAL A 183 -9.17 -18.46 13.77
C VAL A 183 -8.22 -17.60 14.56
N LEU A 184 -6.94 -17.99 14.54
CA LEU A 184 -5.87 -17.28 15.26
C LEU A 184 -5.09 -16.38 14.34
N TYR A 185 -4.46 -15.39 14.93
CA TYR A 185 -3.68 -14.41 14.17
C TYR A 185 -2.28 -14.39 14.74
N TYR A 186 -1.29 -14.18 13.88
CA TYR A 186 0.11 -14.14 14.26
C TYR A 186 0.86 -13.14 13.40
N PHE A 187 2.03 -12.74 13.86
CA PHE A 187 2.89 -11.87 13.09
C PHE A 187 4.12 -12.69 12.80
N ARG A 188 4.60 -12.68 11.56
CA ARG A 188 5.83 -13.37 11.27
C ARG A 188 6.83 -12.24 11.08
N ASP A 189 7.91 -12.28 11.83
CA ASP A 189 8.88 -11.23 11.66
C ASP A 189 9.49 -11.49 10.27
N MET A 190 9.46 -10.49 9.41
CA MET A 190 9.99 -10.65 8.06
C MET A 190 11.49 -10.40 8.08
N GLU A 191 12.10 -10.58 9.25
CA GLU A 191 13.55 -10.43 9.38
C GLU A 191 14.13 -11.62 10.14
N THR A 192 13.73 -11.72 11.41
CA THR A 192 14.16 -12.78 12.30
C THR A 192 13.36 -14.07 12.05
N GLY A 193 12.22 -13.89 11.40
CA GLY A 193 11.34 -15.00 11.09
C GLY A 193 10.55 -15.53 12.27
N LYS A 194 10.77 -14.95 13.46
CA LYS A 194 10.07 -15.36 14.68
C LYS A 194 8.57 -15.06 14.57
N GLU A 195 7.75 -15.95 15.12
CA GLU A 195 6.30 -15.79 15.07
C GLU A 195 5.61 -15.61 16.42
N LEU A 196 4.81 -14.55 16.56
CA LEU A 196 4.11 -14.29 17.81
C LEU A 196 2.61 -14.18 17.53
N GLN A 197 1.76 -14.72 18.42
CA GLN A 197 0.32 -14.62 18.25
C GLN A 197 -0.14 -13.21 18.66
N VAL A 198 -1.12 -12.66 17.94
CA VAL A 198 -1.64 -11.32 18.23
C VAL A 198 -3.17 -11.28 18.23
N SER A 199 -3.69 -10.10 18.55
CA SER A 199 -5.11 -9.89 18.56
C SER A 199 -5.46 -9.22 17.27
N PRO A 200 -6.45 -9.76 16.54
CA PRO A 200 -6.82 -9.10 15.27
C PRO A 200 -7.31 -7.65 15.53
N TRP A 201 -8.00 -7.49 16.67
CA TRP A 201 -8.62 -6.26 17.19
C TRP A 201 -7.70 -5.18 17.78
N HIS A 202 -6.64 -5.59 18.47
CA HIS A 202 -5.72 -4.63 19.09
C HIS A 202 -4.41 -4.42 18.36
N ASP A 203 -4.00 -5.45 17.63
CA ASP A 203 -2.74 -5.46 16.93
C ASP A 203 -2.71 -5.17 15.44
N ILE A 204 -3.78 -5.48 14.71
CA ILE A 204 -3.80 -5.19 13.27
C ILE A 204 -4.16 -3.72 13.20
N PRO A 205 -3.29 -2.90 12.56
CA PRO A 205 -3.64 -1.49 12.53
C PRO A 205 -4.85 -1.05 11.76
N LEU A 206 -5.47 0.00 12.29
CA LEU A 206 -6.64 0.58 11.67
C LEU A 206 -6.20 1.41 10.46
N TYR A 207 -5.15 2.19 10.61
CA TYR A 207 -4.74 3.00 9.49
C TYR A 207 -3.56 2.38 8.78
N VAL A 208 -3.73 2.12 7.50
CA VAL A 208 -2.63 1.59 6.74
C VAL A 208 -1.77 2.76 6.33
N ARG A 209 -0.69 2.99 7.05
CA ARG A 209 0.14 4.12 6.69
C ARG A 209 1.47 3.70 6.08
N ASP A 210 2.03 4.61 5.27
CA ASP A 210 3.32 4.42 4.59
C ASP A 210 4.43 5.22 5.25
N LEU A 211 5.58 4.61 5.49
CA LEU A 211 6.64 5.37 6.13
C LEU A 211 6.84 6.67 5.38
N VAL A 212 6.88 6.58 4.04
CA VAL A 212 7.03 7.76 3.17
C VAL A 212 5.87 7.62 2.20
N ARG A 213 4.96 8.58 2.23
CA ARG A 213 3.76 8.60 1.38
C ARG A 213 4.13 9.27 0.09
N THR A 214 3.91 8.56 -1.01
CA THR A 214 4.26 9.09 -2.30
C THR A 214 3.06 9.52 -3.10
N LYS A 215 1.87 9.13 -2.64
CA LYS A 215 0.64 9.55 -3.30
C LYS A 215 0.54 11.04 -3.08
N PRO A 216 0.08 11.78 -4.08
CA PRO A 216 -0.05 13.25 -4.03
C PRO A 216 -0.59 13.82 -2.74
N ALA A 217 0.03 14.89 -2.30
CA ALA A 217 -0.37 15.59 -1.06
C ALA A 217 -1.86 16.04 -1.09
N SER A 218 -2.33 16.34 -2.29
CA SER A 218 -3.69 16.80 -2.54
C SER A 218 -4.72 15.68 -2.26
N LEU A 219 -4.31 14.44 -2.48
CA LEU A 219 -5.17 13.28 -2.27
C LEU A 219 -5.11 12.91 -0.80
N PRO A 220 -6.21 13.07 -0.05
CA PRO A 220 -6.25 12.74 1.38
C PRO A 220 -6.10 11.23 1.63
N MET A 221 -5.73 10.88 2.86
CA MET A 221 -5.52 9.49 3.21
C MET A 221 -6.74 8.64 3.46
N ASN A 222 -6.88 7.58 2.66
CA ASN A 222 -8.01 6.69 2.79
C ASN A 222 -7.67 5.23 2.61
N ARG A 223 -7.02 4.64 3.59
CA ARG A 223 -6.67 3.24 3.53
C ARG A 223 -6.71 2.70 4.97
N TYR A 224 -7.77 1.93 5.28
CA TYR A 224 -7.99 1.31 6.60
C TYR A 224 -7.95 -0.17 6.40
N ASN A 225 -7.65 -0.92 7.47
CA ASN A 225 -7.65 -2.38 7.44
C ASN A 225 -9.05 -2.88 7.81
N PHE A 226 -9.50 -3.96 7.18
CA PHE A 226 -10.84 -4.52 7.46
C PHE A 226 -10.72 -6.03 7.81
N ILE A 227 -11.41 -6.47 8.86
CA ILE A 227 -11.37 -7.88 9.28
C ILE A 227 -12.72 -8.54 8.96
N CYS A 228 -12.71 -9.36 7.94
CA CYS A 228 -13.92 -10.04 7.53
C CYS A 228 -14.39 -11.09 8.53
N GLU A 229 -15.60 -10.89 9.05
CA GLU A 229 -16.14 -11.85 9.99
C GLU A 229 -17.14 -12.77 9.29
N ILE A 230 -17.98 -12.23 8.41
CA ILE A 230 -18.94 -13.06 7.68
C ILE A 230 -18.82 -12.80 6.17
N PRO A 231 -18.34 -13.78 5.38
CA PRO A 231 -18.15 -13.72 3.91
C PRO A 231 -19.33 -13.46 2.95
N LYS A 232 -19.04 -12.72 1.89
CA LYS A 232 -20.01 -12.40 0.84
C LYS A 232 -20.72 -13.71 0.46
N TRP A 233 -22.05 -13.70 0.31
CA TRP A 233 -22.81 -14.91 -0.06
C TRP A 233 -22.94 -16.05 0.97
N THR A 234 -22.70 -15.72 2.23
CA THR A 234 -22.79 -16.72 3.27
C THR A 234 -23.64 -16.21 4.43
N ARG A 235 -24.22 -17.11 5.22
CA ARG A 235 -25.05 -16.65 6.32
C ARG A 235 -24.66 -17.21 7.68
N ALA A 236 -23.56 -17.95 7.72
CA ALA A 236 -23.08 -18.51 8.97
C ALA A 236 -22.31 -17.40 9.77
N LYS A 237 -22.75 -17.18 11.02
CA LYS A 237 -22.20 -16.17 11.94
C LYS A 237 -20.90 -16.53 12.57
N PHE A 238 -20.03 -15.52 12.62
CA PHE A 238 -18.71 -15.62 13.22
C PHE A 238 -18.48 -14.28 13.95
N GLU A 239 -17.39 -14.17 14.70
CA GLU A 239 -17.14 -12.90 15.38
C GLU A 239 -15.82 -12.85 16.12
N ILE A 240 -15.24 -11.66 16.19
CA ILE A 240 -13.99 -11.45 16.88
C ILE A 240 -14.34 -11.62 18.35
N ALA A 241 -13.79 -12.63 19.01
CA ALA A 241 -14.06 -12.92 20.42
C ALA A 241 -13.41 -11.89 21.37
N THR A 242 -14.14 -10.82 21.67
CA THR A 242 -13.58 -9.78 22.52
C THR A 242 -13.28 -10.26 23.92
N GLY A 243 -14.04 -11.25 24.38
CA GLY A 243 -13.79 -11.74 25.71
C GLY A 243 -12.60 -12.69 25.88
N GLU A 244 -12.32 -13.52 24.87
CA GLU A 244 -11.22 -14.46 24.90
C GLU A 244 -9.89 -13.79 24.69
N PRO A 245 -8.81 -14.46 25.11
CA PRO A 245 -7.46 -13.91 24.96
C PRO A 245 -6.99 -13.88 23.49
N PHE A 246 -6.45 -12.75 23.04
CA PHE A 246 -5.97 -12.62 21.65
C PHE A 246 -7.10 -12.41 20.68
N ASN A 247 -8.30 -12.50 21.23
CA ASN A 247 -9.50 -12.24 20.48
C ASN A 247 -9.68 -13.00 19.20
N PRO A 248 -9.36 -14.30 19.19
CA PRO A 248 -9.53 -15.05 17.94
C PRO A 248 -10.92 -14.81 17.38
N ILE A 249 -11.20 -15.41 16.23
CA ILE A 249 -12.52 -15.26 15.68
C ILE A 249 -13.05 -16.60 16.03
N LYS A 250 -14.24 -16.62 16.58
CA LYS A 250 -14.86 -17.87 16.96
C LYS A 250 -16.20 -17.87 16.28
N GLN A 251 -16.90 -18.99 16.34
CA GLN A 251 -18.20 -19.04 15.70
C GLN A 251 -19.32 -18.75 16.72
N ASP A 252 -20.46 -18.32 16.21
CA ASP A 252 -21.58 -18.02 17.07
C ASP A 252 -22.29 -19.35 17.29
N ILE A 253 -22.13 -19.87 18.49
CA ILE A 253 -22.75 -21.13 18.90
C ILE A 253 -23.47 -20.82 20.22
N LYS A 254 -24.73 -21.22 20.30
CA LYS A 254 -25.53 -21.03 21.50
C LYS A 254 -26.07 -22.43 21.78
N ASN A 255 -25.81 -22.93 22.99
CA ASN A 255 -26.27 -24.26 23.39
C ASN A 255 -25.76 -25.30 22.39
N GLY A 256 -24.46 -25.28 22.11
CA GLY A 256 -23.89 -26.25 21.20
C GLY A 256 -24.24 -26.23 19.72
N VAL A 257 -25.19 -25.38 19.31
CA VAL A 257 -25.56 -25.31 17.89
C VAL A 257 -25.09 -24.02 17.24
N PRO A 258 -24.47 -24.11 16.05
CA PRO A 258 -24.03 -22.84 15.46
C PRO A 258 -25.22 -21.94 15.03
N ARG A 259 -24.99 -20.64 14.98
CA ARG A 259 -26.02 -19.67 14.58
C ARG A 259 -25.86 -19.22 13.12
N PHE A 260 -26.98 -18.87 12.49
CA PHE A 260 -27.03 -18.45 11.09
C PHE A 260 -28.03 -17.33 10.84
N TYR A 261 -27.71 -16.37 9.98
CA TYR A 261 -28.67 -15.32 9.65
C TYR A 261 -29.84 -16.06 8.99
N LYS A 262 -31.04 -15.97 9.55
CA LYS A 262 -32.12 -16.73 8.93
C LYS A 262 -32.82 -15.97 7.84
N HIS A 263 -32.63 -14.67 7.85
CA HIS A 263 -33.27 -13.81 6.89
C HIS A 263 -32.80 -14.10 5.48
N GLY A 264 -31.49 -14.19 5.30
CA GLY A 264 -30.86 -14.45 4.01
C GLY A 264 -29.37 -14.51 4.25
N ASP A 265 -28.57 -14.57 3.20
CA ASP A 265 -27.10 -14.58 3.36
C ASP A 265 -26.56 -13.17 3.34
N MET A 266 -25.47 -12.91 4.04
CA MET A 266 -24.86 -11.60 3.91
C MET A 266 -24.49 -11.50 2.42
N MET A 267 -24.72 -10.36 1.76
CA MET A 267 -24.41 -10.31 0.33
C MET A 267 -23.15 -9.53 0.04
N TRP A 268 -22.43 -9.21 1.08
CA TRP A 268 -21.21 -8.46 0.98
C TRP A 268 -20.39 -8.92 2.16
N ASN A 269 -19.08 -8.65 2.13
CA ASN A 269 -18.24 -9.04 3.23
C ASN A 269 -18.60 -8.13 4.34
N TYR A 270 -18.87 -8.78 5.47
CA TYR A 270 -19.29 -8.11 6.68
C TYR A 270 -18.23 -8.39 7.74
N GLY A 271 -17.68 -7.34 8.33
CA GLY A 271 -16.68 -7.56 9.34
C GLY A 271 -16.52 -6.33 10.21
N ALA A 272 -15.29 -6.10 10.64
CA ALA A 272 -15.05 -4.98 11.49
C ALA A 272 -13.74 -4.28 11.16
N LEU A 273 -13.61 -3.10 11.72
CA LEU A 273 -12.42 -2.32 11.58
C LEU A 273 -11.72 -2.55 12.90
N PRO A 274 -10.49 -3.03 12.84
CA PRO A 274 -9.74 -3.28 14.06
C PRO A 274 -9.45 -1.98 14.79
N GLN A 275 -8.96 -2.08 16.04
CA GLN A 275 -8.57 -0.91 16.80
C GLN A 275 -9.61 0.24 16.94
N THR A 276 -10.87 -0.15 17.12
CA THR A 276 -11.98 0.79 17.28
C THR A 276 -12.89 0.16 18.33
N TRP A 277 -13.59 1.02 19.04
CA TRP A 277 -14.55 0.55 20.04
C TRP A 277 -15.74 1.50 20.24
N GLU A 278 -16.95 1.00 19.99
CA GLU A 278 -18.13 1.81 20.21
C GLU A 278 -18.45 1.63 21.67
N SER A 279 -18.04 2.59 22.49
CA SER A 279 -18.25 2.45 23.94
C SER A 279 -19.66 2.65 24.40
N THR A 280 -20.03 1.96 25.48
CA THR A 280 -21.37 2.19 25.98
C THR A 280 -21.40 3.48 26.81
N ASP A 281 -20.28 3.84 27.44
CA ASP A 281 -20.25 5.06 28.24
C ASP A 281 -20.31 6.28 27.34
N VAL A 282 -20.89 6.17 26.15
CA VAL A 282 -20.95 7.31 25.23
C VAL A 282 -22.29 7.41 24.49
N VAL A 283 -22.64 8.62 24.06
CA VAL A 283 -23.87 8.84 23.33
C VAL A 283 -23.55 9.46 21.96
N PHE A 284 -24.17 8.89 20.92
CA PHE A 284 -24.01 9.30 19.52
C PHE A 284 -25.30 9.91 19.00
N GLU A 285 -25.23 10.51 17.80
CA GLU A 285 -26.40 11.15 17.20
C GLU A 285 -27.67 10.50 17.73
N GLY A 286 -28.55 11.35 18.27
CA GLY A 286 -29.83 10.89 18.81
C GLY A 286 -29.84 10.37 20.23
N GLY A 287 -28.78 10.64 20.97
CA GLY A 287 -28.71 10.18 22.35
C GLY A 287 -28.73 8.66 22.39
N TYR A 288 -28.03 8.04 21.44
CA TYR A 288 -27.92 6.58 21.40
C TYR A 288 -26.53 6.19 21.89
N VAL A 289 -26.52 5.22 22.80
CA VAL A 289 -25.32 4.70 23.43
C VAL A 289 -24.62 3.70 22.49
N GLY A 290 -23.30 3.52 22.62
CA GLY A 290 -22.59 2.57 21.79
C GLY A 290 -22.92 1.13 22.18
N ASP A 291 -22.53 0.17 21.35
CA ASP A 291 -22.84 -1.23 21.62
C ASP A 291 -21.71 -2.13 22.13
N ASN A 292 -20.67 -1.52 22.68
CA ASN A 292 -19.54 -2.30 23.21
C ASN A 292 -18.92 -3.35 22.29
N ASP A 293 -18.66 -2.92 21.07
CA ASP A 293 -18.11 -3.77 20.04
C ASP A 293 -17.23 -2.99 19.11
N PRO A 294 -16.40 -3.70 18.35
CA PRO A 294 -15.59 -2.88 17.46
C PRO A 294 -16.61 -2.52 16.36
N ILE A 295 -16.38 -1.40 15.70
CA ILE A 295 -17.26 -0.90 14.66
C ILE A 295 -17.35 -1.84 13.47
N ASP A 296 -18.54 -1.95 12.91
CA ASP A 296 -18.80 -2.80 11.75
C ASP A 296 -18.66 -2.11 10.43
N ALA A 297 -18.13 -2.84 9.47
CA ALA A 297 -17.97 -2.27 8.14
C ALA A 297 -18.49 -3.28 7.18
N ILE A 298 -19.02 -2.80 6.08
CA ILE A 298 -19.47 -3.68 5.03
C ILE A 298 -18.59 -3.38 3.83
N GLU A 299 -18.13 -4.44 3.18
CA GLU A 299 -17.26 -4.31 2.05
C GLU A 299 -18.01 -4.67 0.75
N ILE A 300 -18.31 -3.62 -0.01
CA ILE A 300 -19.08 -3.74 -1.23
C ILE A 300 -18.43 -4.31 -2.50
N GLY A 301 -17.11 -4.51 -2.52
CA GLY A 301 -16.47 -5.07 -3.68
C GLY A 301 -16.92 -6.45 -4.11
N MET A 302 -16.58 -6.85 -5.33
CA MET A 302 -16.95 -8.14 -5.91
C MET A 302 -16.36 -9.40 -5.35
N THR A 303 -15.14 -9.33 -4.83
CA THR A 303 -14.46 -10.50 -4.32
C THR A 303 -14.84 -10.87 -2.90
N GLN A 304 -15.11 -12.14 -2.68
CA GLN A 304 -15.46 -12.60 -1.35
C GLN A 304 -14.24 -12.86 -0.53
N PHE A 305 -14.21 -12.38 0.71
CA PHE A 305 -13.08 -12.63 1.59
C PHE A 305 -13.35 -13.96 2.25
N LYS A 306 -12.37 -14.49 2.96
CA LYS A 306 -12.56 -15.75 3.64
C LYS A 306 -12.63 -15.39 5.11
N VAL A 307 -13.39 -16.15 5.91
CA VAL A 307 -13.56 -15.85 7.35
C VAL A 307 -12.25 -15.45 8.00
N GLY A 308 -12.26 -14.30 8.64
CA GLY A 308 -11.05 -13.85 9.32
C GLY A 308 -10.05 -13.20 8.41
N GLN A 309 -10.32 -13.18 7.12
CA GLN A 309 -9.42 -12.56 6.19
C GLN A 309 -9.31 -11.05 6.36
N VAL A 310 -8.10 -10.51 6.42
CA VAL A 310 -7.89 -9.06 6.51
C VAL A 310 -7.47 -8.44 5.18
N GLY A 311 -7.79 -7.16 5.01
CA GLY A 311 -7.44 -6.46 3.78
C GLY A 311 -7.63 -4.94 3.85
N ALA A 312 -7.00 -4.20 2.92
CA ALA A 312 -7.13 -2.74 2.91
C ALA A 312 -8.36 -2.29 2.16
N VAL A 313 -9.06 -1.32 2.76
CA VAL A 313 -10.26 -0.82 2.18
C VAL A 313 -10.21 0.71 2.16
N LYS A 314 -11.14 1.26 1.38
CA LYS A 314 -11.36 2.69 1.20
C LYS A 314 -12.75 2.95 1.86
N VAL A 315 -12.80 3.84 2.82
CA VAL A 315 -14.05 4.15 3.49
C VAL A 315 -14.86 5.12 2.60
N LEU A 316 -16.12 4.77 2.37
CA LEU A 316 -16.97 5.56 1.51
C LEU A 316 -18.10 6.28 2.17
N GLY A 317 -18.69 5.66 3.17
CA GLY A 317 -19.81 6.28 3.85
C GLY A 317 -20.10 5.54 5.13
N ILE A 318 -21.23 5.88 5.75
CA ILE A 318 -21.61 5.24 6.99
C ILE A 318 -23.13 5.25 7.20
N LEU A 319 -23.64 4.13 7.69
CA LEU A 319 -25.07 3.96 7.92
C LEU A 319 -25.38 3.72 9.40
N GLY A 320 -26.10 4.67 10.00
CA GLY A 320 -26.50 4.54 11.40
C GLY A 320 -27.75 3.70 11.67
N MET A 321 -27.53 2.47 12.09
CA MET A 321 -28.63 1.63 12.41
C MET A 321 -28.66 1.56 13.93
N ILE A 322 -29.88 1.42 14.45
CA ILE A 322 -30.11 1.30 15.88
C ILE A 322 -30.32 -0.19 16.11
N ASP A 323 -29.44 -0.78 16.90
CA ASP A 323 -29.53 -2.19 17.20
C ASP A 323 -29.80 -2.21 18.68
N ASP A 324 -30.91 -2.83 19.08
CA ASP A 324 -31.30 -2.90 20.49
C ASP A 324 -31.10 -1.53 21.18
N GLY A 325 -31.75 -0.49 20.67
CA GLY A 325 -31.62 0.82 21.29
C GLY A 325 -30.22 1.41 21.38
N GLN A 326 -29.22 0.68 20.92
CA GLN A 326 -27.84 1.16 20.90
C GLN A 326 -27.46 1.67 19.49
N MET A 327 -26.34 2.37 19.41
CA MET A 327 -25.86 2.86 18.15
C MET A 327 -25.02 1.74 17.50
N ASP A 328 -25.47 1.29 16.33
CA ASP A 328 -24.77 0.24 15.60
C ASP A 328 -24.34 0.77 14.24
N TRP A 329 -23.23 1.48 14.21
CA TRP A 329 -22.76 2.03 12.95
C TRP A 329 -22.32 0.91 12.05
N LYS A 330 -22.31 1.21 10.75
CA LYS A 330 -21.89 0.31 9.70
C LYS A 330 -21.16 1.11 8.64
N VAL A 331 -19.84 0.97 8.64
CA VAL A 331 -19.01 1.67 7.67
C VAL A 331 -19.20 1.01 6.31
N ILE A 332 -19.29 1.82 5.24
CA ILE A 332 -19.41 1.31 3.89
C ILE A 332 -18.02 1.56 3.31
N CYS A 333 -17.34 0.49 2.92
CA CYS A 333 -15.98 0.58 2.39
C CYS A 333 -15.82 -0.39 1.22
N ILE A 334 -14.79 -0.21 0.42
CA ILE A 334 -14.57 -1.11 -0.69
C ILE A 334 -13.12 -1.55 -0.65
N SER A 335 -12.84 -2.82 -0.99
CA SER A 335 -11.46 -3.30 -1.02
C SER A 335 -10.59 -2.50 -2.01
N HIS A 336 -9.40 -2.09 -1.61
CA HIS A 336 -8.55 -1.34 -2.52
C HIS A 336 -8.15 -2.10 -3.81
N ASN A 337 -8.48 -3.38 -3.82
CA ASN A 337 -8.16 -4.27 -4.91
C ASN A 337 -9.34 -4.52 -5.82
N ASP A 338 -10.39 -3.75 -5.69
CA ASP A 338 -11.50 -4.02 -6.57
C ASP A 338 -11.36 -3.27 -7.88
N PRO A 339 -11.76 -3.88 -8.99
CA PRO A 339 -11.68 -3.22 -10.27
C PRO A 339 -12.30 -1.83 -10.27
N ILE A 340 -13.26 -1.56 -9.39
CA ILE A 340 -13.91 -0.22 -9.37
C ILE A 340 -13.55 0.67 -8.21
N CYS A 341 -12.77 0.16 -7.28
CA CYS A 341 -12.43 0.97 -6.14
C CYS A 341 -12.00 2.39 -6.54
N ARG A 342 -11.09 2.51 -7.50
CA ARG A 342 -10.58 3.79 -8.01
C ARG A 342 -11.65 4.78 -8.51
N PHE A 343 -12.73 4.24 -9.05
CA PHE A 343 -13.80 5.06 -9.55
C PHE A 343 -14.83 5.34 -8.48
N LEU A 344 -14.50 5.13 -7.22
CA LEU A 344 -15.46 5.41 -6.15
C LEU A 344 -14.81 6.35 -5.17
N LYS A 345 -15.25 7.60 -5.21
CA LYS A 345 -14.65 8.59 -4.35
C LYS A 345 -15.41 8.88 -3.05
N ASP A 346 -16.75 8.86 -3.07
CA ASP A 346 -17.54 9.17 -1.84
C ASP A 346 -18.75 8.31 -1.91
N ILE A 347 -19.67 8.47 -0.95
CA ILE A 347 -20.85 7.62 -0.96
C ILE A 347 -21.82 7.85 -2.12
N HIS A 348 -21.66 8.92 -2.89
CA HIS A 348 -22.59 9.16 -4.00
C HIS A 348 -22.14 8.49 -5.28
N ASP A 349 -20.95 7.87 -5.29
CA ASP A 349 -20.52 7.19 -6.51
C ASP A 349 -20.91 5.74 -6.47
N VAL A 350 -21.42 5.28 -5.33
CA VAL A 350 -21.82 3.90 -5.21
C VAL A 350 -22.98 3.60 -6.18
N PRO A 351 -24.07 4.40 -6.16
CA PRO A 351 -25.18 4.14 -7.07
C PRO A 351 -24.86 4.28 -8.57
N LYS A 352 -23.77 4.95 -8.91
CA LYS A 352 -23.37 5.13 -10.30
C LYS A 352 -22.70 3.85 -10.82
N PHE A 353 -21.99 3.17 -9.93
CA PHE A 353 -21.29 1.98 -10.32
C PHE A 353 -21.89 0.75 -9.76
N LEU A 354 -22.44 0.85 -8.58
CA LEU A 354 -23.07 -0.30 -8.02
C LEU A 354 -24.45 0.13 -7.76
N PRO A 355 -25.23 0.27 -8.82
CA PRO A 355 -26.60 0.69 -8.55
C PRO A 355 -27.32 -0.46 -7.83
N GLY A 356 -28.26 -0.08 -6.97
CA GLY A 356 -29.06 -1.02 -6.20
C GLY A 356 -28.36 -1.48 -4.92
N CYS A 357 -27.07 -1.24 -4.85
CA CYS A 357 -26.32 -1.67 -3.70
C CYS A 357 -26.71 -0.96 -2.41
N LEU A 358 -26.61 0.36 -2.37
CA LEU A 358 -26.94 0.98 -1.12
C LEU A 358 -28.37 0.64 -0.70
N ASP A 359 -29.32 0.70 -1.61
CA ASP A 359 -30.72 0.38 -1.29
C ASP A 359 -30.90 -0.95 -0.63
N ALA A 360 -30.21 -1.91 -1.19
CA ALA A 360 -30.26 -3.27 -0.73
C ALA A 360 -29.59 -3.49 0.63
N ILE A 361 -28.49 -2.80 0.89
CA ILE A 361 -27.79 -2.93 2.16
C ILE A 361 -28.70 -2.44 3.28
N HIS A 362 -29.40 -1.35 3.01
CA HIS A 362 -30.29 -0.71 3.95
C HIS A 362 -31.47 -1.60 4.24
N GLU A 363 -32.14 -2.03 3.18
CA GLU A 363 -33.28 -2.90 3.35
C GLU A 363 -32.91 -4.20 4.11
N TRP A 364 -31.79 -4.85 3.76
CA TRP A 364 -31.36 -6.08 4.44
C TRP A 364 -31.16 -5.83 5.96
N PHE A 365 -30.60 -4.67 6.29
CA PHE A 365 -30.38 -4.34 7.68
C PHE A 365 -31.65 -3.85 8.38
N ARG A 366 -32.55 -3.27 7.61
CA ARG A 366 -33.81 -2.81 8.12
C ARG A 366 -34.78 -3.98 8.45
N VAL A 367 -34.61 -5.18 7.89
CA VAL A 367 -35.60 -6.24 8.16
C VAL A 367 -35.10 -7.64 8.56
N TYR A 368 -33.79 -7.80 8.64
CA TYR A 368 -33.24 -9.12 8.92
C TYR A 368 -33.67 -9.77 10.23
N LYS A 369 -34.40 -9.02 11.04
CA LYS A 369 -34.86 -9.57 12.29
C LYS A 369 -36.34 -9.99 12.25
N ILE A 370 -37.14 -9.30 11.44
CA ILE A 370 -38.53 -9.61 11.27
C ILE A 370 -38.76 -11.07 11.00
N CYS A 371 -37.94 -11.72 10.20
CA CYS A 371 -38.20 -13.15 9.93
C CYS A 371 -38.11 -14.02 11.19
N GLN A 372 -37.69 -13.44 12.30
CA GLN A 372 -37.57 -14.22 13.50
C GLN A 372 -38.49 -13.65 14.52
N GLY A 373 -39.53 -12.98 14.07
CA GLY A 373 -40.49 -12.41 14.99
C GLY A 373 -40.02 -11.13 15.63
N GLY A 374 -39.22 -10.38 14.89
CA GLY A 374 -38.69 -9.12 15.37
C GLY A 374 -39.31 -8.01 14.56
N VAL A 375 -38.86 -6.77 14.77
CA VAL A 375 -39.39 -5.62 14.04
C VAL A 375 -38.35 -4.89 13.17
N GLU A 376 -38.79 -4.03 12.27
CA GLU A 376 -37.84 -3.29 11.46
C GLU A 376 -36.92 -2.52 12.37
N ASN A 377 -35.65 -2.43 11.99
CA ASN A 377 -34.69 -1.68 12.75
C ASN A 377 -34.81 -0.23 12.33
N LYS A 378 -34.46 0.68 13.24
CA LYS A 378 -34.53 2.11 12.92
C LYS A 378 -33.14 2.68 12.63
N PHE A 379 -33.08 3.87 12.09
CA PHE A 379 -31.79 4.44 11.78
C PHE A 379 -31.74 5.92 12.12
N VAL A 380 -30.54 6.44 12.21
CA VAL A 380 -30.43 7.86 12.48
C VAL A 380 -30.46 8.61 11.14
N PHE A 381 -30.05 9.88 11.13
CA PHE A 381 -30.06 10.70 9.91
C PHE A 381 -31.01 10.17 8.84
N ASN A 382 -32.22 9.83 9.26
CA ASN A 382 -33.26 9.36 8.35
C ASN A 382 -32.73 8.33 7.38
N GLY A 383 -32.02 7.33 7.91
CA GLY A 383 -31.47 6.25 7.10
C GLY A 383 -30.67 6.57 5.86
N GLU A 384 -30.08 7.76 5.74
CA GLU A 384 -29.30 8.05 4.57
C GLU A 384 -27.95 7.63 4.94
N PHE A 385 -27.15 7.27 3.92
CA PHE A 385 -25.78 6.82 4.15
C PHE A 385 -24.94 8.09 4.18
N LYS A 386 -24.41 8.49 5.34
CA LYS A 386 -23.63 9.70 5.41
C LYS A 386 -22.30 9.52 4.68
N ASP A 387 -21.71 10.62 4.20
CA ASP A 387 -20.48 10.51 3.40
C ASP A 387 -19.21 10.09 4.12
N LYS A 388 -18.16 9.86 3.35
CA LYS A 388 -16.92 9.39 3.92
C LYS A 388 -16.31 10.29 5.00
N SER A 389 -16.39 11.60 4.82
CA SER A 389 -15.84 12.46 5.85
C SER A 389 -16.52 12.21 7.18
N PHE A 390 -17.85 12.19 7.17
CA PHE A 390 -18.63 11.91 8.37
C PHE A 390 -18.20 10.52 8.90
N ALA A 391 -18.16 9.56 7.99
CA ALA A 391 -17.75 8.20 8.32
C ALA A 391 -16.38 8.17 9.00
N MET A 392 -15.39 8.75 8.35
CA MET A 392 -14.05 8.77 8.89
C MET A 392 -13.95 9.35 10.31
N LYS A 393 -14.67 10.45 10.51
CA LYS A 393 -14.73 11.13 11.80
C LYS A 393 -15.20 10.16 12.89
N VAL A 394 -16.33 9.49 12.63
CA VAL A 394 -16.89 8.52 13.54
C VAL A 394 -15.86 7.42 13.80
N ILE A 395 -15.15 6.99 12.76
CA ILE A 395 -14.18 5.91 12.94
C ILE A 395 -13.05 6.36 13.87
N ASP A 396 -12.76 7.64 13.79
CA ASP A 396 -11.73 8.26 14.58
C ASP A 396 -12.01 8.24 16.04
N GLU A 397 -13.23 8.66 16.39
CA GLU A 397 -13.70 8.75 17.76
C GLU A 397 -13.78 7.33 18.28
N SER A 398 -14.08 6.42 17.36
CA SER A 398 -14.15 5.01 17.64
C SER A 398 -12.76 4.47 17.95
N HIS A 399 -11.76 5.06 17.29
CA HIS A 399 -10.36 4.69 17.47
C HIS A 399 -9.85 5.30 18.77
N TYR A 400 -10.23 6.54 19.01
CA TYR A 400 -9.86 7.25 20.22
C TYR A 400 -10.47 6.44 21.39
N MET A 401 -11.77 6.12 21.32
CA MET A 401 -12.43 5.33 22.34
C MET A 401 -11.65 4.04 22.63
N TRP A 402 -11.34 3.29 21.58
CA TRP A 402 -10.56 2.06 21.74
C TRP A 402 -9.31 2.37 22.57
N GLY A 403 -8.55 3.36 22.09
CA GLY A 403 -7.33 3.77 22.77
C GLY A 403 -7.51 4.01 24.26
N ASN A 404 -8.56 4.70 24.63
CA ASN A 404 -8.81 4.93 26.03
C ASN A 404 -9.09 3.60 26.74
N LEU A 405 -9.92 2.74 26.12
CA LEU A 405 -10.24 1.43 26.69
C LEU A 405 -8.99 0.59 26.96
N ARG A 406 -7.88 0.97 26.36
CA ARG A 406 -6.64 0.25 26.57
C ARG A 406 -6.02 0.71 27.89
N LYS A 407 -6.05 2.03 28.12
CA LYS A 407 -5.52 2.66 29.34
C LYS A 407 -6.27 2.16 30.58
N ILE A 408 -7.57 2.42 30.61
CA ILE A 408 -8.40 1.99 31.71
C ILE A 408 -8.10 0.54 32.10
N ASN A 409 -8.16 -0.37 31.13
CA ASN A 409 -7.89 -1.79 31.41
C ASN A 409 -6.41 -2.22 31.52
N LYS A 410 -5.47 -1.26 31.52
CA LYS A 410 -4.03 -1.56 31.63
C LYS A 410 -3.34 -0.59 32.57
N ALA B 32 -18.34 -32.58 8.26
CA ALA B 32 -19.20 -31.50 8.81
C ALA B 32 -20.23 -30.97 7.80
N ASN B 33 -20.84 -31.88 7.04
CA ASN B 33 -21.85 -31.49 6.07
C ASN B 33 -23.09 -32.40 6.17
N SER B 34 -23.08 -33.30 7.15
CA SER B 34 -24.17 -34.23 7.41
C SER B 34 -24.92 -33.76 8.65
N TYR B 35 -24.28 -33.91 9.80
CA TYR B 35 -24.86 -33.45 11.04
C TYR B 35 -23.88 -32.69 11.92
N ILE B 36 -24.44 -31.88 12.82
CA ILE B 36 -23.63 -31.09 13.72
C ILE B 36 -22.88 -32.02 14.67
N GLY B 37 -21.62 -31.70 14.89
CA GLY B 37 -20.78 -32.50 15.76
C GLY B 37 -20.28 -31.83 17.01
N THR B 38 -19.52 -32.61 17.79
CA THR B 38 -18.94 -32.17 19.07
C THR B 38 -17.68 -31.29 18.99
N GLY B 39 -16.94 -31.40 17.88
CA GLY B 39 -15.73 -30.60 17.72
C GLY B 39 -14.51 -31.26 18.35
N LEU B 40 -14.69 -32.50 18.79
CA LEU B 40 -13.63 -33.29 19.44
C LEU B 40 -13.35 -34.55 18.57
N ASP B 41 -13.27 -35.72 19.20
CA ASP B 41 -12.98 -36.97 18.48
C ASP B 41 -14.02 -38.05 18.86
N THR B 42 -14.74 -38.56 17.86
CA THR B 42 -15.76 -39.59 18.08
C THR B 42 -15.98 -40.45 16.82
N SER B 43 -16.95 -41.37 16.89
CA SER B 43 -17.25 -42.24 15.75
C SER B 43 -18.40 -41.64 14.97
N LEU B 44 -18.63 -42.14 13.75
CA LEU B 44 -19.69 -41.63 12.89
C LEU B 44 -20.98 -42.48 12.94
N GLU B 45 -20.84 -43.77 13.21
CA GLU B 45 -21.95 -44.75 13.21
C GLU B 45 -23.15 -44.72 14.20
N ASN B 46 -22.91 -44.89 15.49
CA ASN B 46 -23.97 -44.95 16.52
C ASN B 46 -24.75 -43.67 16.89
N VAL B 47 -24.29 -42.49 16.49
CA VAL B 47 -25.01 -41.25 16.82
C VAL B 47 -26.37 -41.24 16.12
N LYS B 48 -27.45 -41.17 16.90
CA LYS B 48 -28.80 -41.17 16.33
C LYS B 48 -29.22 -39.81 15.74
N PRO B 49 -29.30 -39.73 14.39
CA PRO B 49 -29.69 -38.50 13.67
C PRO B 49 -31.03 -37.91 14.10
N LEU B 50 -31.02 -36.64 14.51
CA LEU B 50 -32.22 -35.94 14.93
C LEU B 50 -33.48 -36.50 14.28
N PRO B 51 -34.47 -36.94 15.09
CA PRO B 51 -35.72 -37.50 14.55
C PRO B 51 -36.48 -36.51 13.66
N GLU B 52 -36.13 -35.22 13.79
CA GLU B 52 -36.76 -34.15 13.01
C GLU B 52 -36.16 -34.07 11.61
N ALA B 53 -35.03 -34.75 11.43
CA ALA B 53 -34.32 -34.80 10.17
C ALA B 53 -34.72 -36.01 9.32
N CYS B 54 -34.59 -37.22 9.88
CA CYS B 54 -34.96 -38.44 9.18
C CYS B 54 -36.36 -38.32 8.55
N LYS B 55 -37.27 -37.72 9.31
CA LYS B 55 -38.67 -37.50 8.90
C LYS B 55 -38.76 -36.77 7.55
N ARG B 56 -38.14 -35.59 7.47
CA ARG B 56 -38.14 -34.79 6.23
C ARG B 56 -37.01 -35.19 5.26
N ASN B 57 -36.25 -36.24 5.57
CA ASN B 57 -35.13 -36.71 4.73
C ASN B 57 -34.17 -35.60 4.29
N VAL B 58 -33.82 -34.71 5.22
CA VAL B 58 -32.88 -33.60 4.98
C VAL B 58 -31.85 -33.68 6.11
N THR B 59 -30.54 -33.64 5.79
CA THR B 59 -29.57 -33.74 6.86
C THR B 59 -29.87 -32.73 7.96
N GLU B 60 -29.33 -32.94 9.15
CA GLU B 60 -29.62 -32.01 10.21
C GLU B 60 -28.83 -30.72 10.12
N PHE B 61 -27.83 -30.71 9.24
CA PHE B 61 -27.02 -29.52 9.01
C PHE B 61 -27.85 -28.53 8.18
N ASP B 62 -28.52 -29.10 7.18
CA ASP B 62 -29.39 -28.34 6.29
C ASP B 62 -30.60 -27.85 7.09
N LEU B 63 -31.06 -28.69 8.02
CA LEU B 63 -32.20 -28.37 8.85
C LEU B 63 -31.99 -27.18 9.72
N VAL B 64 -30.83 -27.16 10.34
CA VAL B 64 -30.44 -26.08 11.25
C VAL B 64 -30.19 -24.72 10.55
N ALA B 65 -29.37 -24.76 9.49
CA ALA B 65 -28.97 -23.60 8.71
C ALA B 65 -30.05 -23.00 7.78
N TYR B 66 -30.75 -23.88 7.08
CA TYR B 66 -31.73 -23.43 6.14
C TYR B 66 -33.18 -23.78 6.39
N GLY B 67 -33.50 -24.36 7.54
CA GLY B 67 -34.87 -24.74 7.81
C GLY B 67 -35.48 -23.70 8.70
N LYS B 68 -36.78 -23.76 8.96
CA LYS B 68 -37.42 -22.77 9.85
C LYS B 68 -36.90 -23.02 11.26
N ASP B 69 -37.11 -22.06 12.17
CA ASP B 69 -36.58 -22.22 13.52
C ASP B 69 -37.21 -23.23 14.51
N GLU B 70 -38.07 -24.12 14.00
CA GLU B 70 -38.75 -25.16 14.79
C GLU B 70 -37.81 -26.34 15.11
N PHE B 71 -36.65 -26.37 14.45
CA PHE B 71 -35.63 -27.39 14.65
C PHE B 71 -34.61 -26.68 15.53
N THR B 72 -35.13 -26.20 16.67
CA THR B 72 -34.40 -25.46 17.68
C THR B 72 -34.22 -26.20 19.02
N LEU B 73 -34.91 -25.73 20.08
CA LEU B 73 -34.83 -26.30 21.44
C LEU B 73 -34.88 -27.82 21.45
N SER B 74 -35.70 -28.37 20.55
CA SER B 74 -35.87 -29.80 20.40
C SER B 74 -34.69 -30.36 19.58
N MET B 75 -34.10 -29.49 18.76
CA MET B 75 -32.98 -29.88 17.91
C MET B 75 -31.68 -29.80 18.72
N GLU B 76 -31.54 -28.74 19.49
CA GLU B 76 -30.34 -28.56 20.32
C GLU B 76 -30.23 -29.75 21.27
N LYS B 77 -31.36 -30.18 21.81
CA LYS B 77 -31.44 -31.30 22.74
C LYS B 77 -30.59 -32.51 22.34
N ARG B 78 -30.77 -33.01 21.12
CA ARG B 78 -30.00 -34.16 20.68
C ARG B 78 -28.53 -33.83 20.47
N VAL B 79 -28.23 -32.60 20.03
CA VAL B 79 -26.83 -32.17 19.81
C VAL B 79 -26.14 -31.93 21.16
N MET B 80 -26.98 -31.77 22.19
CA MET B 80 -26.54 -31.54 23.55
C MET B 80 -26.36 -32.90 24.23
N ALA B 81 -27.15 -33.88 23.78
CA ALA B 81 -27.11 -35.24 24.30
C ALA B 81 -25.89 -35.99 23.78
N ARG B 82 -25.55 -35.75 22.51
CA ARG B 82 -24.40 -36.39 21.88
C ARG B 82 -23.09 -35.84 22.41
N MET B 83 -23.08 -34.56 22.80
CA MET B 83 -21.89 -33.93 23.34
C MET B 83 -21.63 -34.36 24.79
N PHE B 84 -22.72 -34.74 25.48
CA PHE B 84 -22.66 -35.22 26.87
C PHE B 84 -22.06 -36.62 26.85
N SER B 85 -22.35 -37.34 25.77
CA SER B 85 -21.87 -38.69 25.54
C SER B 85 -20.39 -38.65 25.17
N ALA B 86 -19.96 -37.51 24.64
CA ALA B 86 -18.59 -37.31 24.21
C ALA B 86 -17.62 -37.02 25.36
N PHE B 87 -18.15 -36.61 26.51
CA PHE B 87 -17.30 -36.32 27.68
C PHE B 87 -17.35 -37.54 28.60
N ASP B 88 -18.37 -38.36 28.40
CA ASP B 88 -18.59 -39.58 29.17
C ASP B 88 -17.99 -40.74 28.35
N VAL B 89 -16.67 -40.70 28.22
CA VAL B 89 -15.93 -41.71 27.46
C VAL B 89 -16.09 -43.13 28.03
N THR B 90 -16.16 -43.24 29.36
CA THR B 90 -16.35 -44.55 30.01
C THR B 90 -17.86 -44.80 30.06
N GLN B 91 -18.55 -44.42 28.97
CA GLN B 91 -20.00 -44.51 28.85
C GLN B 91 -20.78 -45.27 29.94
N LEU B 92 -21.03 -44.56 31.04
CA LEU B 92 -21.75 -45.08 32.20
C LEU B 92 -23.17 -44.50 32.37
N GLY B 93 -23.38 -43.25 31.93
CA GLY B 93 -24.70 -42.63 32.06
C GLY B 93 -24.71 -41.31 32.82
N TYR B 94 -23.52 -40.80 33.12
CA TYR B 94 -23.40 -39.54 33.87
C TYR B 94 -21.94 -39.14 33.98
N LEU B 95 -21.70 -37.88 34.29
CA LEU B 95 -20.34 -37.37 34.44
C LEU B 95 -20.16 -37.07 35.92
N GLU B 96 -18.99 -36.56 36.29
CA GLU B 96 -18.74 -36.18 37.67
C GLU B 96 -18.77 -34.64 37.68
N GLU B 97 -19.15 -34.05 38.84
CA GLU B 97 -19.24 -32.60 38.99
C GLU B 97 -17.99 -31.85 38.47
N ARG B 98 -16.94 -32.60 38.12
CA ARG B 98 -15.69 -32.05 37.59
C ARG B 98 -15.72 -31.93 36.05
N LYS B 99 -16.39 -32.89 35.39
CA LYS B 99 -16.55 -32.91 33.91
C LYS B 99 -17.63 -31.90 33.51
N ILE B 100 -18.80 -32.04 34.12
CA ILE B 100 -19.93 -31.12 33.88
C ILE B 100 -19.33 -29.72 33.77
N GLU B 101 -18.32 -29.49 34.58
CA GLU B 101 -17.61 -28.23 34.66
C GLU B 101 -16.93 -27.76 33.39
N HIS B 102 -16.02 -28.55 32.84
CA HIS B 102 -15.37 -28.11 31.64
C HIS B 102 -16.34 -28.09 30.46
N MET B 103 -17.26 -29.06 30.40
CA MET B 103 -18.21 -29.10 29.29
C MET B 103 -18.95 -27.77 29.12
N CYS B 104 -19.31 -27.17 30.26
CA CYS B 104 -20.03 -25.88 30.27
C CYS B 104 -19.06 -24.76 29.90
N LYS B 105 -17.78 -25.04 30.04
CA LYS B 105 -16.75 -24.10 29.67
C LYS B 105 -16.67 -24.27 28.14
N TYR B 106 -16.77 -25.52 27.68
CA TYR B 106 -16.72 -25.89 26.26
C TYR B 106 -17.84 -25.20 25.50
N LEU B 107 -19.08 -25.39 25.97
CA LEU B 107 -20.23 -24.79 25.34
C LEU B 107 -20.33 -23.26 25.50
N GLY B 108 -19.17 -22.61 25.60
CA GLY B 108 -19.12 -21.15 25.71
C GLY B 108 -19.53 -20.44 26.99
N ARG B 109 -19.91 -21.18 28.02
CA ARG B 109 -20.32 -20.57 29.27
C ARG B 109 -19.20 -20.22 30.24
N VAL B 110 -19.26 -18.99 30.75
CA VAL B 110 -18.30 -18.41 31.70
C VAL B 110 -18.57 -18.88 33.17
N MET B 111 -18.16 -20.12 33.47
CA MET B 111 -18.35 -20.75 34.79
C MET B 111 -17.39 -20.27 35.88
N ASN B 112 -17.90 -19.46 36.80
CA ASN B 112 -17.10 -18.96 37.92
C ASN B 112 -17.48 -19.75 39.18
N GLU B 113 -16.80 -19.50 40.29
CA GLU B 113 -17.10 -20.22 41.54
C GLU B 113 -18.54 -19.92 42.00
N ASP B 114 -18.94 -18.65 41.93
CA ASP B 114 -20.29 -18.21 42.33
C ASP B 114 -21.39 -18.83 41.45
N ASP B 115 -20.97 -19.42 40.32
CA ASP B 115 -21.88 -20.08 39.40
C ASP B 115 -21.67 -21.60 39.40
N VAL B 116 -20.56 -22.05 39.98
CA VAL B 116 -20.29 -23.48 40.07
C VAL B 116 -21.16 -24.01 41.23
N LYS B 117 -21.03 -23.42 42.43
CA LYS B 117 -21.81 -23.86 43.58
C LYS B 117 -23.30 -23.76 43.27
N GLN B 118 -23.70 -22.70 42.57
CA GLN B 118 -25.10 -22.53 42.18
C GLN B 118 -25.50 -23.78 41.40
N MET B 119 -24.62 -24.17 40.48
CA MET B 119 -24.79 -25.33 39.62
C MET B 119 -24.95 -26.61 40.45
N LYS B 120 -23.93 -26.91 41.26
CA LYS B 120 -23.97 -28.10 42.09
C LYS B 120 -25.14 -28.02 43.09
N SER B 121 -25.51 -26.81 43.49
CA SER B 121 -26.62 -26.61 44.42
C SER B 121 -27.93 -26.92 43.70
N GLU B 122 -28.16 -26.28 42.55
CA GLU B 122 -29.37 -26.54 41.79
C GLU B 122 -29.40 -28.02 41.45
N ILE B 123 -28.43 -28.45 40.65
CA ILE B 123 -28.37 -29.85 40.27
C ILE B 123 -28.44 -30.70 41.53
N ASN B 124 -29.54 -31.44 41.67
CA ASN B 124 -29.75 -32.31 42.83
C ASN B 124 -29.20 -33.72 42.61
N ALA B 125 -27.97 -33.93 43.08
CA ALA B 125 -27.30 -35.23 42.97
C ALA B 125 -26.37 -35.36 44.19
N ILE B 126 -26.96 -35.70 45.34
CA ILE B 126 -26.22 -35.83 46.59
C ILE B 126 -25.11 -36.88 46.52
N ASP B 127 -25.13 -37.72 45.48
CA ASP B 127 -24.10 -38.76 45.29
C ASP B 127 -22.93 -38.26 44.42
N GLY B 128 -23.18 -37.16 43.70
CA GLY B 128 -22.16 -36.57 42.83
C GLY B 128 -22.40 -36.82 41.34
N HIS B 129 -23.06 -37.94 41.03
CA HIS B 129 -23.38 -38.35 39.66
C HIS B 129 -24.51 -37.49 39.09
N ILE B 130 -24.35 -37.09 37.82
CA ILE B 130 -25.35 -36.26 37.13
C ILE B 130 -25.79 -36.89 35.80
N THR B 131 -27.09 -37.17 35.67
CA THR B 131 -27.64 -37.74 34.43
C THR B 131 -27.89 -36.60 33.43
N PHE B 132 -27.81 -36.93 32.13
CA PHE B 132 -28.04 -35.92 31.09
C PHE B 132 -29.37 -35.23 31.33
N GLU B 133 -30.45 -36.02 31.40
CA GLU B 133 -31.79 -35.49 31.62
C GLU B 133 -31.75 -34.43 32.70
N LYS B 134 -31.01 -34.70 33.77
CA LYS B 134 -30.87 -33.76 34.87
C LYS B 134 -30.08 -32.54 34.44
N PHE B 135 -29.00 -32.78 33.69
CA PHE B 135 -28.16 -31.71 33.18
C PHE B 135 -28.92 -30.79 32.21
N TRP B 136 -29.46 -31.38 31.14
CA TRP B 136 -30.22 -30.64 30.12
C TRP B 136 -31.28 -29.75 30.79
N ALA B 137 -32.11 -30.35 31.64
CA ALA B 137 -33.16 -29.61 32.34
C ALA B 137 -32.58 -28.43 33.12
N TRP B 138 -31.41 -28.61 33.73
CA TRP B 138 -30.78 -27.54 34.51
C TRP B 138 -30.30 -26.43 33.60
N TRP B 139 -29.69 -26.83 32.49
CA TRP B 139 -29.15 -25.92 31.49
C TRP B 139 -30.24 -24.99 30.97
N CYS B 140 -31.26 -25.61 30.38
CA CYS B 140 -32.40 -24.89 29.81
C CYS B 140 -33.10 -24.01 30.86
N SER B 141 -32.62 -24.05 32.10
CA SER B 141 -33.21 -23.30 33.19
C SER B 141 -32.20 -22.38 33.84
N HIS B 142 -31.27 -21.86 33.04
CA HIS B 142 -30.26 -20.95 33.58
C HIS B 142 -29.31 -20.47 32.48
N PRO B 143 -29.79 -19.59 31.58
CA PRO B 143 -28.95 -19.09 30.49
C PRO B 143 -27.66 -18.46 31.02
N GLU B 144 -27.62 -18.22 32.34
CA GLU B 144 -26.47 -17.62 33.01
C GLU B 144 -26.66 -16.13 33.28
N VAL B 145 -25.71 -15.58 34.03
CA VAL B 145 -25.69 -14.18 34.46
C VAL B 145 -24.92 -13.22 33.54
N PRO B 146 -25.49 -12.91 32.35
CA PRO B 146 -24.86 -12.01 31.36
C PRO B 146 -24.61 -10.60 31.91
N ALA B 147 -25.23 -10.30 33.06
CA ALA B 147 -25.13 -8.99 33.72
C ALA B 147 -23.69 -8.67 34.12
N LYS B 148 -23.45 -8.54 35.44
CA LYS B 148 -22.11 -8.25 35.96
C LYS B 148 -21.39 -7.18 35.13
N LYS B 149 -20.20 -7.56 34.63
CA LYS B 149 -19.34 -6.68 33.83
C LYS B 149 -18.82 -7.52 32.65
N ASP B 150 -19.37 -7.31 31.45
CA ASP B 150 -18.94 -8.03 30.26
C ASP B 150 -17.46 -7.71 29.99
N PHE B 151 -16.61 -8.72 30.18
CA PHE B 151 -15.15 -8.64 30.06
C PHE B 151 -14.55 -8.59 28.65
N PHE B 152 -13.49 -7.80 28.50
CA PHE B 152 -12.81 -7.68 27.21
C PHE B 152 -11.30 -7.90 27.35
N SER B 153 -10.78 -8.98 26.77
CA SER B 153 -9.35 -9.29 26.83
C SER B 153 -8.54 -8.18 26.13
N MET B 154 -7.57 -7.62 26.83
CA MET B 154 -6.76 -6.55 26.25
C MET B 154 -5.39 -7.06 25.83
N VAL B 155 -5.22 -8.37 25.95
CA VAL B 155 -3.97 -9.04 25.62
C VAL B 155 -3.53 -8.72 24.22
N SER B 156 -2.54 -7.87 24.05
CA SER B 156 -2.06 -7.58 22.71
C SER B 156 -0.60 -7.97 22.74
N VAL B 157 0.17 -7.57 21.72
CA VAL B 157 1.59 -7.89 21.63
C VAL B 157 2.23 -6.54 21.40
N ASP B 158 1.44 -5.52 21.65
CA ASP B 158 1.85 -4.15 21.43
C ASP B 158 3.22 -3.95 20.73
N PHE B 159 3.12 -3.87 19.40
CA PHE B 159 4.23 -3.70 18.46
C PHE B 159 3.92 -2.47 17.62
N ALA B 160 4.46 -1.31 17.97
CA ALA B 160 4.19 -0.10 17.17
C ALA B 160 5.48 0.66 16.86
N VAL B 161 5.37 1.79 16.16
CA VAL B 161 6.56 2.56 15.87
C VAL B 161 6.36 4.05 16.04
N PRO B 162 7.43 4.74 16.45
CA PRO B 162 7.44 6.19 16.66
C PRO B 162 7.48 6.93 15.31
N TYR B 163 8.20 6.34 14.36
CA TYR B 163 8.35 6.92 13.03
C TYR B 163 7.14 7.74 12.60
N HIS B 164 7.41 8.97 12.16
CA HIS B 164 6.34 9.87 11.70
C HIS B 164 6.17 9.72 10.19
N GLN B 165 5.04 9.15 9.77
CA GLN B 165 4.80 9.00 8.36
C GLN B 165 5.15 10.34 7.73
N GLN B 166 5.87 10.33 6.62
CA GLN B 166 6.27 11.57 5.96
C GLN B 166 5.52 11.68 4.66
N GLN B 167 5.20 12.90 4.25
CA GLN B 167 4.53 13.08 2.98
C GLN B 167 5.57 13.60 2.02
N LEU B 168 5.76 12.92 0.91
CA LEU B 168 6.74 13.37 -0.06
C LEU B 168 6.15 14.54 -0.81
N LEU B 169 6.95 15.55 -1.10
CA LEU B 169 6.44 16.67 -1.85
C LEU B 169 7.46 17.02 -2.92
N THR B 170 6.99 17.44 -4.09
CA THR B 170 7.90 17.79 -5.19
C THR B 170 7.61 19.22 -5.69
N ARG B 171 8.55 20.13 -5.55
CA ARG B 171 8.30 21.49 -6.06
C ARG B 171 9.17 21.82 -7.28
N GLU B 172 8.55 22.38 -8.31
CA GLU B 172 9.31 22.76 -9.48
C GLU B 172 9.80 24.17 -9.27
N THR B 173 10.99 24.48 -9.72
CA THR B 173 11.49 25.81 -9.58
C THR B 173 12.42 26.00 -10.75
N GLY B 174 12.65 27.23 -11.18
CA GLY B 174 13.53 27.41 -12.31
C GLY B 174 12.61 27.52 -13.48
N GLU B 175 13.16 27.74 -14.67
CA GLU B 175 12.35 27.88 -15.87
C GLU B 175 12.67 26.67 -16.73
N LEU B 176 11.60 26.04 -17.23
CA LEU B 176 11.67 24.84 -18.03
C LEU B 176 12.41 25.02 -19.35
N TYR B 177 13.27 24.06 -19.69
CA TYR B 177 14.08 24.10 -20.91
C TYR B 177 15.20 25.15 -20.84
N THR B 178 15.73 25.36 -19.64
CA THR B 178 16.83 26.27 -19.37
C THR B 178 17.61 25.63 -18.23
N PRO B 179 18.82 26.08 -18.00
CA PRO B 179 19.61 25.50 -16.90
C PRO B 179 19.20 25.80 -15.45
N SER B 180 18.08 26.52 -15.27
CA SER B 180 17.62 26.86 -13.92
C SER B 180 16.51 25.92 -13.43
N TYR B 181 15.75 25.36 -14.35
CA TYR B 181 14.68 24.46 -13.93
C TYR B 181 15.22 23.28 -13.13
N ARG B 182 14.59 23.01 -12.00
CA ARG B 182 14.94 21.89 -11.14
C ARG B 182 13.66 21.39 -10.54
N VAL B 183 13.66 20.14 -10.08
CA VAL B 183 12.51 19.57 -9.39
C VAL B 183 13.04 19.17 -8.03
N LEU B 184 12.50 19.75 -6.98
CA LEU B 184 12.98 19.41 -5.62
C LEU B 184 12.03 18.49 -4.84
N TYR B 185 12.60 17.82 -3.86
CA TYR B 185 11.87 16.88 -3.04
C TYR B 185 11.87 17.28 -1.56
N TYR B 186 10.74 17.03 -0.90
CA TYR B 186 10.57 17.39 0.51
C TYR B 186 9.71 16.38 1.27
N PHE B 187 9.96 16.31 2.56
CA PHE B 187 9.17 15.48 3.46
C PHE B 187 8.36 16.44 4.35
N ARG B 188 7.08 16.18 4.49
CA ARG B 188 6.32 17.01 5.38
C ARG B 188 5.93 16.02 6.44
N ASP B 189 6.35 16.33 7.65
CA ASP B 189 6.08 15.51 8.81
C ASP B 189 4.55 15.54 8.96
N MET B 190 3.92 14.38 8.92
CA MET B 190 2.45 14.35 9.03
C MET B 190 1.98 14.37 10.48
N GLU B 191 2.88 14.79 11.39
CA GLU B 191 2.59 14.91 12.82
C GLU B 191 2.96 16.33 13.20
N THR B 192 4.21 16.69 12.95
CA THR B 192 4.70 18.03 13.27
C THR B 192 4.41 19.06 12.16
N GLY B 193 4.16 18.58 10.94
CA GLY B 193 3.91 19.49 9.86
C GLY B 193 5.17 20.25 9.46
N LYS B 194 6.30 19.86 10.03
CA LYS B 194 7.58 20.47 9.69
C LYS B 194 8.07 19.85 8.37
N GLU B 195 8.80 20.63 7.57
CA GLU B 195 9.30 20.18 6.27
C GLU B 195 10.81 20.20 6.12
N LEU B 196 11.33 19.18 5.48
CA LEU B 196 12.77 19.02 5.22
C LEU B 196 12.98 18.71 3.74
N GLN B 197 14.12 19.16 3.21
CA GLN B 197 14.41 18.81 1.82
C GLN B 197 15.19 17.49 1.80
N VAL B 198 14.81 16.59 0.90
CA VAL B 198 15.44 15.28 0.80
C VAL B 198 16.01 14.99 -0.58
N SER B 199 16.75 13.87 -0.68
CA SER B 199 17.28 13.40 -1.95
C SER B 199 16.35 12.32 -2.28
N PRO B 200 15.80 12.36 -3.50
CA PRO B 200 14.85 11.38 -4.03
C PRO B 200 15.60 10.10 -4.32
N TRP B 201 16.93 10.22 -4.35
CA TRP B 201 17.80 9.11 -4.62
C TRP B 201 18.12 8.35 -3.36
N HIS B 202 18.43 9.06 -2.27
CA HIS B 202 18.82 8.43 -0.99
C HIS B 202 17.72 8.21 0.01
N ASP B 203 16.82 9.19 0.06
CA ASP B 203 15.71 9.17 1.00
C ASP B 203 14.35 8.56 0.61
N ILE B 204 14.05 8.39 -0.67
CA ILE B 204 12.79 7.75 -1.08
C ILE B 204 13.06 6.25 -1.07
N PRO B 205 12.34 5.51 -0.23
CA PRO B 205 12.53 4.06 -0.11
C PRO B 205 12.50 3.28 -1.40
N LEU B 206 13.40 2.32 -1.52
CA LEU B 206 13.42 1.50 -2.71
C LEU B 206 12.29 0.53 -2.55
N TYR B 207 12.14 0.03 -1.33
CA TYR B 207 11.07 -0.89 -1.06
C TYR B 207 9.96 -0.17 -0.32
N VAL B 208 8.74 -0.29 -0.82
CA VAL B 208 7.56 0.26 -0.18
C VAL B 208 7.09 -0.89 0.71
N ARG B 209 7.34 -0.81 2.00
CA ARG B 209 6.87 -1.88 2.83
C ARG B 209 5.76 -1.41 3.78
N ASP B 210 4.96 -2.36 4.24
CA ASP B 210 3.88 -2.06 5.15
C ASP B 210 4.22 -2.51 6.56
N LEU B 211 4.06 -1.64 7.57
CA LEU B 211 4.37 -2.03 8.93
C LEU B 211 3.86 -3.43 9.21
N VAL B 212 2.60 -3.70 8.91
CA VAL B 212 2.05 -5.03 9.09
C VAL B 212 1.44 -5.39 7.75
N ARG B 213 2.07 -6.35 7.06
CA ARG B 213 1.65 -6.82 5.76
C ARG B 213 0.47 -7.78 5.83
N THR B 214 -0.65 -7.37 5.26
CA THR B 214 -1.88 -8.17 5.29
C THR B 214 -2.14 -9.03 4.04
N LYS B 215 -1.39 -8.79 2.95
CA LYS B 215 -1.53 -9.55 1.72
C LYS B 215 -1.00 -10.96 2.00
N PRO B 216 -1.55 -11.97 1.33
CA PRO B 216 -1.16 -13.38 1.50
C PRO B 216 0.29 -13.62 1.92
N ALA B 217 0.49 -14.62 2.74
CA ALA B 217 1.83 -14.98 3.18
C ALA B 217 2.45 -15.56 1.89
N SER B 218 1.65 -16.40 1.26
CA SER B 218 1.94 -17.09 0.00
C SER B 218 2.32 -16.18 -1.16
N LEU B 219 1.74 -14.98 -1.21
CA LEU B 219 2.09 -14.04 -2.27
C LEU B 219 3.28 -13.18 -1.87
N PRO B 220 4.39 -13.26 -2.63
CA PRO B 220 5.62 -12.49 -2.37
C PRO B 220 5.51 -10.99 -2.58
N MET B 221 6.36 -10.28 -1.84
CA MET B 221 6.44 -8.84 -1.84
C MET B 221 7.05 -8.32 -3.12
N ASN B 222 6.26 -7.49 -3.78
CA ASN B 222 6.63 -6.87 -5.04
C ASN B 222 5.99 -5.48 -5.14
N ARG B 223 6.59 -4.54 -4.42
CA ARG B 223 6.13 -3.15 -4.43
C ARG B 223 7.35 -2.19 -4.31
N TYR B 224 7.69 -1.44 -5.38
CA TYR B 224 8.84 -0.54 -5.30
C TYR B 224 8.58 0.92 -5.67
N ASN B 225 9.40 1.84 -5.20
CA ASN B 225 9.16 3.18 -5.65
C ASN B 225 9.96 3.42 -6.94
N PHE B 226 9.33 4.15 -7.85
CA PHE B 226 9.87 4.53 -9.15
C PHE B 226 9.83 6.05 -9.29
N ILE B 227 10.96 6.64 -9.68
CA ILE B 227 11.06 8.09 -9.92
C ILE B 227 11.09 8.33 -11.43
N CYS B 228 10.07 8.96 -11.98
CA CYS B 228 10.06 9.24 -13.41
C CYS B 228 10.97 10.42 -13.79
N GLU B 229 11.84 10.21 -14.78
CA GLU B 229 12.73 11.24 -15.30
C GLU B 229 12.24 11.70 -16.65
N ILE B 230 11.89 10.76 -17.52
CA ILE B 230 11.37 11.13 -18.85
C ILE B 230 9.92 10.63 -19.04
N PRO B 231 8.96 11.56 -18.95
CA PRO B 231 7.52 11.28 -19.11
C PRO B 231 7.15 10.54 -20.37
N LYS B 232 6.12 9.70 -20.27
CA LYS B 232 5.60 8.97 -21.40
C LYS B 232 5.26 10.01 -22.51
N TRP B 233 5.60 9.65 -23.75
CA TRP B 233 5.34 10.46 -24.94
C TRP B 233 6.14 11.75 -25.06
N THR B 234 7.33 11.79 -24.49
CA THR B 234 8.11 13.02 -24.65
C THR B 234 9.53 12.68 -25.09
N ARG B 235 10.30 13.69 -25.46
CA ARG B 235 11.67 13.34 -25.85
C ARG B 235 12.76 14.17 -25.18
N ALA B 236 12.36 15.12 -24.31
CA ALA B 236 13.28 16.00 -23.57
C ALA B 236 13.96 15.28 -22.40
N LYS B 237 15.29 15.41 -22.32
CA LYS B 237 16.07 14.73 -21.28
C LYS B 237 16.15 15.42 -19.94
N PHE B 238 15.96 14.62 -18.90
CA PHE B 238 16.00 15.10 -17.53
C PHE B 238 16.73 13.98 -16.81
N GLU B 239 17.26 14.28 -15.63
CA GLU B 239 18.01 13.29 -14.87
C GLU B 239 18.14 13.70 -13.42
N ILE B 240 18.40 12.72 -12.56
CA ILE B 240 18.63 12.99 -11.16
C ILE B 240 20.07 13.52 -11.13
N ALA B 241 20.25 14.72 -10.59
CA ALA B 241 21.58 15.31 -10.49
C ALA B 241 22.39 14.61 -9.39
N THR B 242 23.09 13.54 -9.74
CA THR B 242 23.87 12.80 -8.75
C THR B 242 24.99 13.68 -8.17
N GLY B 243 25.29 14.76 -8.86
CA GLY B 243 26.34 15.63 -8.40
C GLY B 243 25.91 16.66 -7.39
N GLU B 244 24.75 17.28 -7.64
CA GLU B 244 24.20 18.33 -6.79
C GLU B 244 23.68 17.87 -5.42
N PRO B 245 23.65 18.78 -4.42
CA PRO B 245 23.15 18.39 -3.09
C PRO B 245 21.65 18.01 -3.14
N PHE B 246 21.25 16.97 -2.41
CA PHE B 246 19.86 16.56 -2.37
C PHE B 246 19.41 16.03 -3.70
N ASN B 247 20.36 15.85 -4.60
CA ASN B 247 20.13 15.26 -5.90
C ASN B 247 18.80 15.57 -6.54
N PRO B 248 18.56 16.84 -6.89
CA PRO B 248 17.30 17.23 -7.53
C PRO B 248 17.14 16.61 -8.93
N ILE B 249 16.16 17.08 -9.68
CA ILE B 249 15.98 16.59 -11.03
C ILE B 249 16.27 17.82 -11.84
N LYS B 250 17.18 17.71 -12.80
CA LYS B 250 17.48 18.87 -13.61
C LYS B 250 17.38 18.45 -15.04
N GLN B 251 17.35 19.42 -15.94
CA GLN B 251 17.31 19.01 -17.33
C GLN B 251 18.71 18.87 -17.90
N ASP B 252 18.84 18.01 -18.90
CA ASP B 252 20.14 17.77 -19.54
C ASP B 252 20.50 18.95 -20.39
N ILE B 253 21.46 19.72 -19.97
CA ILE B 253 21.78 20.89 -20.76
C ILE B 253 23.25 21.02 -20.93
N LYS B 254 23.66 20.95 -22.19
CA LYS B 254 25.06 21.08 -22.58
C LYS B 254 25.22 22.43 -23.27
N ASN B 255 26.25 23.16 -22.85
CA ASN B 255 26.53 24.50 -23.41
C ASN B 255 25.25 25.37 -23.53
N GLY B 256 24.41 25.30 -22.50
CA GLY B 256 23.20 26.10 -22.44
C GLY B 256 22.03 25.81 -23.36
N VAL B 257 22.05 24.67 -24.03
CA VAL B 257 20.95 24.29 -24.93
C VAL B 257 20.41 22.99 -24.37
N PRO B 258 19.08 22.85 -24.30
CA PRO B 258 18.66 21.57 -23.74
C PRO B 258 18.80 20.38 -24.72
N ARG B 259 18.98 19.18 -24.17
CA ARG B 259 19.12 18.00 -25.00
C ARG B 259 17.79 17.20 -25.03
N PHE B 260 17.55 16.59 -26.20
CA PHE B 260 16.36 15.78 -26.48
C PHE B 260 16.77 14.53 -27.27
N TYR B 261 16.11 13.41 -27.00
CA TYR B 261 16.37 12.16 -27.72
C TYR B 261 15.99 12.45 -29.18
N LYS B 262 16.87 12.21 -30.14
CA LYS B 262 16.54 12.52 -31.56
C LYS B 262 15.86 11.39 -32.33
N HIS B 263 15.99 10.18 -31.81
CA HIS B 263 15.40 9.01 -32.43
C HIS B 263 13.88 9.08 -32.36
N GLY B 264 13.35 9.77 -31.36
CA GLY B 264 11.91 9.86 -31.20
C GLY B 264 11.60 10.10 -29.74
N ASP B 265 10.32 10.03 -29.39
CA ASP B 265 9.92 10.26 -28.01
C ASP B 265 9.97 8.98 -27.23
N MET B 266 10.14 9.09 -25.90
CA MET B 266 10.13 7.94 -24.96
C MET B 266 8.63 7.54 -24.91
N MET B 267 8.28 6.31 -25.24
CA MET B 267 6.85 6.02 -25.28
C MET B 267 6.28 5.37 -24.02
N TRP B 268 7.07 5.41 -22.96
CA TRP B 268 6.69 4.86 -21.68
C TRP B 268 7.42 5.79 -20.76
N ASN B 269 7.01 5.83 -19.49
CA ASN B 269 7.67 6.65 -18.50
C ASN B 269 8.97 5.96 -18.24
N TYR B 270 10.02 6.74 -18.23
CA TYR B 270 11.36 6.23 -18.09
C TYR B 270 12.05 6.95 -16.96
N GLY B 271 12.56 6.22 -15.98
CA GLY B 271 13.24 6.89 -14.89
C GLY B 271 14.13 5.90 -14.17
N ALA B 272 14.28 6.07 -12.86
CA ALA B 272 15.10 5.19 -12.07
C ALA B 272 14.39 4.68 -10.84
N LEU B 273 15.05 3.72 -10.20
CA LEU B 273 14.53 3.17 -8.98
C LEU B 273 15.47 3.83 -7.99
N PRO B 274 14.95 4.55 -7.01
CA PRO B 274 15.86 5.20 -6.05
C PRO B 274 16.56 4.19 -5.15
N GLN B 275 17.57 4.67 -4.43
CA GLN B 275 18.26 3.81 -3.49
C GLN B 275 18.94 2.60 -4.14
N THR B 276 19.48 2.81 -5.33
CA THR B 276 20.18 1.78 -6.02
C THR B 276 21.37 2.45 -6.66
N TRP B 277 22.35 1.61 -7.02
CA TRP B 277 23.56 2.06 -7.66
C TRP B 277 24.26 0.95 -8.43
N GLU B 278 24.45 1.17 -9.72
CA GLU B 278 25.16 0.22 -10.59
C GLU B 278 26.61 0.66 -10.45
N SER B 279 27.31 0.03 -9.52
CA SER B 279 28.71 0.39 -9.24
C SER B 279 29.67 0.06 -10.37
N THR B 280 30.65 0.93 -10.61
CA THR B 280 31.65 0.68 -11.64
C THR B 280 32.71 -0.27 -11.13
N ASP B 281 32.98 -0.18 -9.84
CA ASP B 281 33.98 -1.04 -9.22
C ASP B 281 33.48 -2.47 -9.29
N VAL B 282 32.50 -2.76 -10.14
CA VAL B 282 31.93 -4.10 -10.22
C VAL B 282 31.67 -4.67 -11.63
N VAL B 283 31.68 -5.99 -11.74
CA VAL B 283 31.48 -6.66 -13.01
C VAL B 283 30.18 -7.48 -13.03
N PHE B 284 29.38 -7.28 -14.10
CA PHE B 284 28.07 -7.94 -14.30
C PHE B 284 27.97 -8.78 -15.60
N GLU B 285 27.17 -9.86 -15.53
CA GLU B 285 26.90 -10.82 -16.62
C GLU B 285 27.99 -11.06 -17.67
N GLY B 286 29.19 -11.30 -17.20
CA GLY B 286 30.32 -11.50 -18.08
C GLY B 286 31.33 -10.47 -17.60
N GLY B 287 31.81 -9.64 -18.52
CA GLY B 287 32.78 -8.64 -18.12
C GLY B 287 32.24 -7.24 -18.25
N TYR B 288 31.00 -7.02 -17.82
CA TYR B 288 30.39 -5.70 -17.93
C TYR B 288 30.32 -4.95 -16.60
N VAL B 289 30.91 -3.76 -16.57
CA VAL B 289 30.91 -2.96 -15.35
C VAL B 289 29.68 -2.09 -15.27
N GLY B 290 29.26 -1.79 -14.04
CA GLY B 290 28.10 -0.94 -13.86
C GLY B 290 28.37 0.43 -14.44
N ASP B 291 27.35 1.26 -14.55
CA ASP B 291 27.55 2.58 -15.11
C ASP B 291 27.59 3.75 -14.19
N ASN B 292 27.79 3.49 -12.89
CA ASN B 292 27.85 4.55 -11.88
C ASN B 292 26.55 5.34 -11.81
N ASP B 293 25.43 4.64 -12.01
CA ASP B 293 24.14 5.29 -12.01
C ASP B 293 23.06 4.58 -11.24
N PRO B 294 22.01 5.32 -10.84
CA PRO B 294 20.97 4.57 -10.13
C PRO B 294 20.28 3.79 -11.21
N ILE B 295 19.97 2.53 -10.95
CA ILE B 295 19.31 1.65 -11.92
C ILE B 295 18.04 2.26 -12.63
N ASP B 296 17.95 2.03 -13.95
CA ASP B 296 16.89 2.53 -14.79
C ASP B 296 15.66 1.69 -14.77
N ALA B 297 14.50 2.29 -14.88
CA ALA B 297 13.27 1.51 -14.91
C ALA B 297 12.41 2.12 -15.99
N ILE B 298 11.58 1.27 -16.60
CA ILE B 298 10.68 1.65 -17.67
C ILE B 298 9.27 1.30 -17.13
N GLU B 299 8.37 2.29 -17.03
CA GLU B 299 6.99 2.06 -16.54
C GLU B 299 6.03 1.91 -17.74
N ILE B 300 5.60 0.66 -17.97
CA ILE B 300 4.76 0.36 -19.11
C ILE B 300 3.25 0.58 -18.98
N GLY B 301 2.86 1.29 -17.93
CA GLY B 301 1.46 1.60 -17.72
C GLY B 301 0.93 2.62 -18.72
N MET B 302 -0.38 2.72 -18.83
CA MET B 302 -1.04 3.62 -19.74
C MET B 302 -1.03 5.05 -19.31
N THR B 303 -0.60 5.35 -18.10
CA THR B 303 -0.62 6.74 -17.61
C THR B 303 0.73 7.40 -17.51
N GLN B 304 0.78 8.59 -18.09
CA GLN B 304 1.96 9.44 -18.12
C GLN B 304 2.23 10.04 -16.75
N PHE B 305 3.50 10.05 -16.33
CA PHE B 305 3.91 10.61 -15.05
C PHE B 305 4.48 11.96 -15.40
N LYS B 306 4.58 12.83 -14.42
CA LYS B 306 5.12 14.15 -14.69
C LYS B 306 6.61 14.03 -14.33
N VAL B 307 7.46 14.89 -14.89
CA VAL B 307 8.89 14.86 -14.63
C VAL B 307 9.07 14.87 -13.12
N GLY B 308 9.93 14.01 -12.60
CA GLY B 308 10.14 13.99 -11.17
C GLY B 308 9.09 13.27 -10.36
N GLN B 309 7.95 12.93 -10.93
CA GLN B 309 6.86 12.21 -10.20
C GLN B 309 7.22 10.83 -9.66
N VAL B 310 6.90 10.56 -8.40
CA VAL B 310 7.21 9.24 -7.86
C VAL B 310 5.94 8.46 -7.66
N GLY B 311 6.02 7.14 -7.79
CA GLY B 311 4.86 6.29 -7.66
C GLY B 311 5.19 4.86 -7.39
N ALA B 312 4.30 4.07 -6.80
CA ALA B 312 4.65 2.69 -6.52
C ALA B 312 4.51 1.84 -7.73
N VAL B 313 5.50 1.00 -8.00
CA VAL B 313 5.41 0.10 -9.15
C VAL B 313 5.54 -1.40 -8.75
N LYS B 314 5.24 -2.28 -9.70
CA LYS B 314 5.38 -3.73 -9.55
C LYS B 314 6.45 -4.16 -10.60
N VAL B 315 7.56 -4.76 -10.16
CA VAL B 315 8.64 -5.19 -11.08
C VAL B 315 8.23 -6.44 -11.82
N LEU B 316 8.46 -6.45 -13.13
CA LEU B 316 8.04 -7.60 -13.91
C LEU B 316 9.14 -8.27 -14.67
N GLY B 317 10.26 -7.59 -14.86
CA GLY B 317 11.33 -8.23 -15.58
C GLY B 317 12.47 -7.26 -15.71
N ILE B 318 13.47 -7.58 -16.52
CA ILE B 318 14.62 -6.70 -16.69
C ILE B 318 15.30 -7.00 -18.02
N LEU B 319 15.75 -5.93 -18.68
CA LEU B 319 16.39 -6.06 -19.98
C LEU B 319 17.82 -5.63 -19.82
N GLY B 320 18.76 -6.54 -20.06
CA GLY B 320 20.16 -6.18 -19.89
C GLY B 320 20.82 -5.60 -21.11
N MET B 321 20.84 -4.28 -21.23
CA MET B 321 21.47 -3.64 -22.37
C MET B 321 22.89 -3.21 -22.04
N ILE B 322 23.75 -3.13 -23.05
CA ILE B 322 25.14 -2.68 -22.81
C ILE B 322 25.30 -1.32 -23.45
N ASP B 323 25.62 -0.34 -22.60
CA ASP B 323 25.80 1.04 -23.02
C ASP B 323 27.29 1.31 -22.90
N ASP B 324 27.98 1.21 -24.04
CA ASP B 324 29.42 1.44 -24.07
C ASP B 324 30.18 0.48 -23.11
N GLY B 325 30.01 -0.82 -23.31
CA GLY B 325 30.71 -1.78 -22.48
C GLY B 325 30.26 -1.79 -21.02
N GLN B 326 29.36 -0.87 -20.69
CA GLN B 326 28.82 -0.81 -19.33
C GLN B 326 27.51 -1.62 -19.33
N MET B 327 27.19 -2.16 -18.16
CA MET B 327 25.99 -2.95 -18.01
C MET B 327 24.90 -1.96 -17.62
N ASP B 328 24.06 -1.66 -18.60
CA ASP B 328 22.95 -0.73 -18.45
C ASP B 328 21.58 -1.46 -18.38
N TRP B 329 21.16 -1.86 -17.18
CA TRP B 329 19.87 -2.53 -17.14
C TRP B 329 18.69 -1.57 -17.26
N LYS B 330 17.56 -2.19 -17.46
CA LYS B 330 16.31 -1.53 -17.60
C LYS B 330 15.36 -2.49 -16.90
N VAL B 331 14.81 -2.02 -15.79
CA VAL B 331 13.83 -2.79 -15.07
C VAL B 331 12.47 -2.52 -15.79
N ILE B 332 11.67 -3.55 -15.94
CA ILE B 332 10.38 -3.42 -16.57
C ILE B 332 9.38 -3.59 -15.42
N CYS B 333 8.69 -2.48 -15.15
CA CYS B 333 7.68 -2.35 -14.09
C CYS B 333 6.34 -1.73 -14.56
N ILE B 334 5.33 -1.91 -13.75
CA ILE B 334 4.02 -1.36 -14.07
C ILE B 334 3.48 -0.67 -12.83
N SER B 335 2.90 0.49 -13.01
CA SER B 335 2.33 1.24 -11.88
C SER B 335 1.25 0.40 -11.19
N HIS B 336 1.31 0.35 -9.87
CA HIS B 336 0.31 -0.39 -9.12
C HIS B 336 -1.12 0.15 -9.33
N ASN B 337 -1.19 1.31 -9.94
CA ASN B 337 -2.43 1.95 -10.19
C ASN B 337 -2.94 1.71 -11.58
N ASP B 338 -2.28 0.84 -12.34
CA ASP B 338 -2.78 0.61 -13.68
C ASP B 338 -3.86 -0.46 -13.81
N PRO B 339 -4.91 -0.18 -14.61
CA PRO B 339 -5.99 -1.11 -14.84
C PRO B 339 -5.53 -2.53 -15.01
N ILE B 340 -4.39 -2.72 -15.66
CA ILE B 340 -3.93 -4.10 -15.85
C ILE B 340 -2.83 -4.64 -14.96
N CYS B 341 -2.23 -3.81 -14.13
CA CYS B 341 -1.20 -4.30 -13.24
C CYS B 341 -1.56 -5.64 -12.55
N ARG B 342 -2.81 -5.80 -12.10
CA ARG B 342 -3.29 -7.02 -11.44
C ARG B 342 -3.26 -8.30 -12.29
N PHE B 343 -3.37 -8.18 -13.60
CA PHE B 343 -3.36 -9.32 -14.48
C PHE B 343 -1.96 -9.60 -14.99
N LEU B 344 -1.02 -8.73 -14.63
CA LEU B 344 0.36 -8.93 -15.04
C LEU B 344 1.13 -9.49 -13.86
N LYS B 345 1.40 -10.79 -13.92
CA LYS B 345 2.13 -11.47 -12.84
C LYS B 345 3.62 -11.52 -13.09
N ASP B 346 4.04 -11.82 -14.31
CA ASP B 346 5.45 -11.89 -14.63
C ASP B 346 5.59 -11.37 -16.03
N ILE B 347 6.84 -11.33 -16.50
CA ILE B 347 7.21 -10.82 -17.82
C ILE B 347 6.51 -11.47 -19.02
N HIS B 348 5.97 -12.66 -18.82
CA HIS B 348 5.32 -13.40 -19.90
C HIS B 348 3.94 -12.96 -20.20
N ASP B 349 3.37 -12.17 -19.32
CA ASP B 349 2.00 -11.72 -19.53
C ASP B 349 1.92 -10.40 -20.23
N VAL B 350 3.04 -9.68 -20.25
CA VAL B 350 3.12 -8.41 -20.93
C VAL B 350 2.68 -8.61 -22.41
N PRO B 351 3.19 -9.68 -23.09
CA PRO B 351 2.74 -9.83 -24.47
C PRO B 351 1.28 -10.23 -24.52
N LYS B 352 0.76 -10.83 -23.44
CA LYS B 352 -0.64 -11.23 -23.42
C LYS B 352 -1.60 -10.05 -23.39
N PHE B 353 -1.29 -9.08 -22.53
CA PHE B 353 -2.14 -7.93 -22.37
C PHE B 353 -1.66 -6.69 -23.05
N LEU B 354 -0.35 -6.57 -23.22
CA LEU B 354 0.21 -5.41 -23.92
C LEU B 354 1.07 -5.89 -25.06
N PRO B 355 0.44 -6.54 -26.07
CA PRO B 355 1.18 -7.05 -27.23
C PRO B 355 1.98 -5.94 -27.95
N GLY B 356 3.20 -6.27 -28.38
CA GLY B 356 4.07 -5.33 -29.06
C GLY B 356 4.96 -4.49 -28.15
N CYS B 357 4.53 -4.38 -26.91
CA CYS B 357 5.24 -3.56 -25.96
C CYS B 357 6.71 -3.96 -25.81
N LEU B 358 7.01 -5.14 -25.27
CA LEU B 358 8.41 -5.55 -25.11
C LEU B 358 9.29 -5.42 -26.37
N ASP B 359 8.83 -5.89 -27.53
CA ASP B 359 9.61 -5.85 -28.77
C ASP B 359 9.89 -4.42 -29.21
N ALA B 360 8.99 -3.54 -28.82
CA ALA B 360 9.05 -2.12 -29.12
C ALA B 360 10.03 -1.44 -28.16
N ILE B 361 10.01 -1.93 -26.94
CA ILE B 361 10.86 -1.44 -25.88
C ILE B 361 12.29 -1.87 -26.19
N HIS B 362 12.38 -3.10 -26.66
CA HIS B 362 13.66 -3.68 -27.02
C HIS B 362 14.23 -2.88 -28.18
N GLU B 363 13.47 -2.87 -29.27
CA GLU B 363 13.86 -2.16 -30.47
C GLU B 363 14.22 -0.68 -30.28
N TRP B 364 13.47 0.05 -29.45
CA TRP B 364 13.73 1.46 -29.21
C TRP B 364 15.15 1.61 -28.69
N PHE B 365 15.41 0.85 -27.65
CA PHE B 365 16.70 0.88 -27.01
C PHE B 365 17.85 0.35 -27.84
N ARG B 366 17.54 -0.63 -28.68
CA ARG B 366 18.55 -1.22 -29.54
C ARG B 366 19.08 -0.21 -30.56
N VAL B 367 18.22 0.69 -31.02
CA VAL B 367 18.58 1.59 -32.09
C VAL B 367 18.50 3.08 -31.88
N TYR B 368 18.16 3.54 -30.69
CA TYR B 368 18.01 5.00 -30.50
C TYR B 368 19.23 5.95 -30.66
N LYS B 369 20.42 5.38 -30.88
CA LYS B 369 21.65 6.17 -31.02
C LYS B 369 22.12 6.35 -32.46
N ILE B 370 21.66 5.44 -33.33
CA ILE B 370 21.93 5.39 -34.78
C ILE B 370 21.58 6.70 -35.51
N CYS B 371 20.54 7.41 -35.05
CA CYS B 371 20.14 8.65 -35.71
C CYS B 371 21.17 9.70 -35.49
N GLN B 372 22.06 9.43 -34.57
CA GLN B 372 23.09 10.38 -34.28
C GLN B 372 24.42 9.94 -34.94
N GLY B 373 24.39 8.74 -35.52
CA GLY B 373 25.56 8.18 -36.18
C GLY B 373 26.35 7.20 -35.32
N GLY B 374 25.65 6.51 -34.43
CA GLY B 374 26.29 5.52 -33.58
C GLY B 374 25.85 4.24 -34.20
N VAL B 375 25.84 3.17 -33.41
CA VAL B 375 25.41 1.85 -33.90
C VAL B 375 24.53 1.14 -32.89
N GLU B 376 23.80 0.15 -33.36
CA GLU B 376 22.94 -0.59 -32.49
C GLU B 376 23.63 -1.02 -31.20
N ASN B 377 22.89 -1.01 -30.10
CA ASN B 377 23.43 -1.45 -28.81
C ASN B 377 23.30 -2.97 -28.72
N LYS B 378 24.12 -3.58 -27.88
CA LYS B 378 24.03 -5.01 -27.73
C LYS B 378 23.34 -5.39 -26.39
N PHE B 379 23.05 -6.66 -26.21
CA PHE B 379 22.37 -7.12 -25.01
C PHE B 379 22.96 -8.46 -24.53
N VAL B 380 22.78 -8.79 -23.24
CA VAL B 380 23.23 -10.08 -22.72
C VAL B 380 21.98 -10.92 -22.79
N PHE B 381 22.01 -12.13 -22.28
CA PHE B 381 20.82 -12.99 -22.35
C PHE B 381 20.13 -13.00 -23.70
N ASN B 382 20.90 -12.76 -24.76
CA ASN B 382 20.33 -12.80 -26.10
C ASN B 382 19.17 -11.88 -26.19
N GLY B 383 19.25 -10.77 -25.47
CA GLY B 383 18.17 -9.79 -25.47
C GLY B 383 16.81 -10.23 -24.91
N GLU B 384 16.73 -11.43 -24.30
CA GLU B 384 15.50 -11.95 -23.70
C GLU B 384 15.21 -11.00 -22.53
N PHE B 385 13.92 -10.81 -22.21
CA PHE B 385 13.57 -9.96 -21.08
C PHE B 385 13.52 -10.93 -19.90
N LYS B 386 14.55 -10.90 -19.05
CA LYS B 386 14.61 -11.82 -17.91
C LYS B 386 13.48 -11.56 -16.95
N ASP B 387 12.92 -12.64 -16.41
CA ASP B 387 11.77 -12.59 -15.50
C ASP B 387 11.91 -11.76 -14.19
N LYS B 388 10.83 -11.73 -13.42
CA LYS B 388 10.82 -10.92 -12.22
C LYS B 388 11.78 -11.30 -11.13
N SER B 389 11.93 -12.59 -10.89
CA SER B 389 12.85 -13.05 -9.84
C SER B 389 14.27 -12.66 -10.22
N PHE B 390 14.59 -12.76 -11.52
CA PHE B 390 15.92 -12.39 -11.94
C PHE B 390 16.06 -10.93 -11.74
N ALA B 391 15.06 -10.20 -12.21
CA ALA B 391 15.05 -8.74 -12.10
C ALA B 391 15.19 -8.27 -10.63
N MET B 392 14.39 -8.88 -9.75
CA MET B 392 14.43 -8.56 -8.33
C MET B 392 15.82 -8.76 -7.69
N LYS B 393 16.49 -9.87 -8.01
CA LYS B 393 17.82 -10.09 -7.45
C LYS B 393 18.75 -9.00 -7.90
N VAL B 394 18.66 -8.64 -9.18
CA VAL B 394 19.49 -7.61 -9.71
C VAL B 394 19.22 -6.36 -8.93
N ILE B 395 17.96 -6.08 -8.64
CA ILE B 395 17.63 -4.87 -7.89
C ILE B 395 18.25 -4.80 -6.50
N ASP B 396 18.31 -5.94 -5.81
CA ASP B 396 18.90 -6.04 -4.45
C ASP B 396 20.36 -5.70 -4.45
N GLU B 397 21.08 -6.33 -5.39
CA GLU B 397 22.52 -6.17 -5.54
C GLU B 397 22.78 -4.73 -5.76
N SER B 398 21.89 -4.13 -6.54
CA SER B 398 22.00 -2.72 -6.87
C SER B 398 21.82 -1.85 -5.66
N HIS B 399 20.94 -2.33 -4.78
CA HIS B 399 20.55 -1.71 -3.50
C HIS B 399 21.64 -1.95 -2.49
N TYR B 400 22.23 -3.13 -2.56
CA TYR B 400 23.34 -3.50 -1.68
C TYR B 400 24.55 -2.60 -2.01
N MET B 401 24.79 -2.36 -3.29
CA MET B 401 25.91 -1.53 -3.64
C MET B 401 25.69 -0.08 -3.21
N TRP B 402 24.47 0.44 -3.38
CA TRP B 402 24.09 1.81 -2.98
C TRP B 402 24.39 1.93 -1.48
N GLY B 403 23.97 0.92 -0.71
CA GLY B 403 24.22 0.91 0.73
C GLY B 403 25.68 1.16 1.11
N ASN B 404 26.61 0.46 0.47
CA ASN B 404 28.05 0.64 0.77
C ASN B 404 28.48 2.04 0.38
N LEU B 405 28.05 2.47 -0.80
CA LEU B 405 28.40 3.80 -1.30
C LEU B 405 28.00 4.82 -0.28
N ARG B 406 27.07 4.44 0.59
CA ARG B 406 26.57 5.32 1.64
C ARG B 406 27.59 5.48 2.76
N LYS B 407 28.20 4.34 3.12
CA LYS B 407 29.21 4.20 4.18
C LYS B 407 30.63 4.59 3.74
N ILE B 408 31.06 4.13 2.56
CA ILE B 408 32.37 4.49 2.06
C ILE B 408 32.43 6.02 2.03
N ASN B 409 31.42 6.66 1.43
CA ASN B 409 31.37 8.12 1.32
C ASN B 409 30.99 8.87 2.62
N LYS B 410 30.67 8.12 3.68
CA LYS B 410 30.35 8.66 5.00
C LYS B 410 31.37 8.13 6.02
C1 MLT C . -3.75 6.71 0.96
O1 MLT C . -2.59 6.29 0.92
O2 MLT C . -3.96 7.67 1.67
C2 MLT C . -4.89 6.06 0.14
O3 MLT C . -4.44 4.94 -0.63
C3 MLT C . -5.53 7.11 -0.81
C4 MLT C . -6.64 6.50 -1.67
O4 MLT C . -6.91 5.36 -1.58
O5 MLT C . -7.32 7.25 -2.53
C1 MLT D . -5.07 1.76 -4.69
O1 MLT D . -4.51 2.86 -4.76
O2 MLT D . -6.30 1.69 -4.76
C2 MLT D . -4.26 0.47 -4.49
O3 MLT D . -2.84 0.73 -4.41
C3 MLT D . -4.60 -0.54 -5.62
C4 MLT D . -3.82 -1.82 -5.46
O4 MLT D . -3.04 -1.96 -4.53
O5 MLT D . -4.01 -2.83 -6.34
CAA 4GA E . -34.33 -12.30 20.73
OAB 4GA E . -29.57 -9.45 17.35
OAC 4GA E . -26.12 -7.94 15.94
OAD 4GA E . -26.04 -10.98 18.10
OAE 4GA E . -27.73 -7.67 17.53
OAF 4GA E . -28.16 -9.29 19.49
OAG 4GA E . -26.72 -9.95 14.45
OAH 4GA E . -24.53 -9.96 15.82
CAI 4GA E . -28.97 -14.00 18.67
CAJ 4GA E . -27.96 -13.38 18.06
CAK 4GA E . -29.70 -12.15 17.84
CAL 4GA E . -33.74 -12.77 19.39
CAM 4GA E . -32.26 -12.42 19.35
CAN 4GA E . -31.45 -13.62 18.85
CAO 4GA E . -27.73 -11.42 16.52
NAP 4GA E . -30.05 -13.24 18.51
NAQ 4GA E . -28.42 -12.25 17.54
CAR 4GA E . -26.93 -10.32 17.19
PAS 4GA E . -28.13 -9.15 18.01
PAT 4GA E . -26.04 -9.42 15.82
MG MG F . -31.40 -9.46 19.51
C1 MLT G . 2.95 -6.15 -2.23
O1 MLT G . 3.94 -6.72 -1.83
O2 MLT G . 2.30 -5.47 -1.43
C2 MLT G . 2.54 -6.27 -3.72
O3 MLT G . 1.35 -5.52 -4.02
C3 MLT G . 2.33 -7.75 -4.10
C4 MLT G . 1.93 -7.90 -5.56
O4 MLT G . 1.80 -6.94 -6.26
O5 MLT G . 1.71 -9.12 -6.10
CAA 4GA H . 31.15 10.56 -22.73
OAB 4GA H . 23.37 6.55 -23.40
OAC 4GA H . 20.97 8.23 -23.81
OAD 4GA H . 23.85 10.29 -21.91
OAE 4GA H . 23.59 7.14 -20.90
OAF 4GA H . 25.55 7.57 -22.50
OAG 4GA H . 20.86 10.56 -22.73
OAH 4GA H . 21.03 8.48 -21.24
CAI 4GA H . 25.64 12.51 -24.03
CAJ 4GA H . 24.46 11.93 -24.27
CAK 4GA H . 25.94 10.38 -24.03
CAL 4GA H . 30.24 11.08 -23.83
CAM 4GA H . 28.81 10.57 -23.59
CAN 4GA H . 27.90 11.74 -23.28
CAO 4GA H . 23.58 9.60 -24.16
NAP 4GA H . 26.54 11.55 -23.85
NAQ 4GA H . 24.66 10.62 -24.24
CAR 4GA H . 23.30 9.24 -22.70
PAS 4GA H . 24.07 7.58 -22.37
PAT 4GA H . 21.45 9.09 -22.53
MG MG I . 24.85 12.84 -21.23
#